data_3TZD
# 
_entry.id   3TZD 
# 
_audit_conform.dict_name       mmcif_pdbx.dic 
_audit_conform.dict_version    5.403 
_audit_conform.dict_location   http://mmcif.pdb.org/dictionaries/ascii/mmcif_pdbx.dic 
# 
loop_
_database_2.database_id 
_database_2.database_code 
_database_2.pdbx_database_accession 
_database_2.pdbx_DOI 
PDB   3TZD         pdb_00003tzd 10.2210/pdb3tzd/pdb 
RCSB  RCSB068110   ?            ?                   
WWPDB D_1000068110 ?            ?                   
# 
loop_
_pdbx_audit_revision_history.ordinal 
_pdbx_audit_revision_history.data_content_type 
_pdbx_audit_revision_history.major_revision 
_pdbx_audit_revision_history.minor_revision 
_pdbx_audit_revision_history.revision_date 
_pdbx_audit_revision_history.part_number 
1 'Structure model' 1 0 2012-03-07 ? 
2 'Structure model' 1 1 2013-01-23 ? 
3 'Structure model' 1 2 2025-03-26 ? 
# 
_pdbx_audit_revision_details.ordinal             1 
_pdbx_audit_revision_details.revision_ordinal    1 
_pdbx_audit_revision_details.data_content_type   'Structure model' 
_pdbx_audit_revision_details.provider            repository 
_pdbx_audit_revision_details.type                'Initial release' 
_pdbx_audit_revision_details.description         ? 
_pdbx_audit_revision_details.details             ? 
# 
loop_
_pdbx_audit_revision_group.ordinal 
_pdbx_audit_revision_group.revision_ordinal 
_pdbx_audit_revision_group.data_content_type 
_pdbx_audit_revision_group.group 
1 2 'Structure model' 'Database references'  
2 3 'Structure model' 'Data collection'      
3 3 'Structure model' 'Database references'  
4 3 'Structure model' 'Derived calculations' 
5 3 'Structure model' 'Structure summary'    
# 
loop_
_pdbx_audit_revision_category.ordinal 
_pdbx_audit_revision_category.revision_ordinal 
_pdbx_audit_revision_category.data_content_type 
_pdbx_audit_revision_category.category 
1 3 'Structure model' chem_comp_atom            
2 3 'Structure model' chem_comp_bond            
3 3 'Structure model' database_2                
4 3 'Structure model' pdbx_entry_details        
5 3 'Structure model' pdbx_modification_feature 
6 3 'Structure model' struct_conn               
7 3 'Structure model' struct_ref_seq_dif        
# 
loop_
_pdbx_audit_revision_item.ordinal 
_pdbx_audit_revision_item.revision_ordinal 
_pdbx_audit_revision_item.data_content_type 
_pdbx_audit_revision_item.item 
1 3 'Structure model' '_database_2.pdbx_DOI'                
2 3 'Structure model' '_database_2.pdbx_database_accession' 
3 3 'Structure model' '_struct_conn.pdbx_leaving_atom_flag' 
4 3 'Structure model' '_struct_ref_seq_dif.details'         
# 
_pdbx_database_status.status_code                     REL 
_pdbx_database_status.entry_id                        3TZD 
_pdbx_database_status.recvd_initial_deposition_date   2011-09-27 
_pdbx_database_status.deposit_site                    RCSB 
_pdbx_database_status.process_site                    RCSB 
_pdbx_database_status.status_code_sf                  REL 
_pdbx_database_status.status_code_mr                  ? 
_pdbx_database_status.SG_entry                        Y 
_pdbx_database_status.status_code_cs                  ? 
_pdbx_database_status.pdb_format_compatible           Y 
_pdbx_database_status.status_code_nmr_data            ? 
_pdbx_database_status.methods_development_category    ? 
# 
loop_
_audit_author.name 
_audit_author.pdbx_ordinal 
'Amaya, M.F.'                          1  
'Ravichandran, M.'                     2  
'Loppnau, P.'                          3  
'Kozieradzki, I.'                      4  
'Edwards, A.M.'                        5  
'Arrowsmith, C.H.'                     6  
'Weigelt, J.'                          7  
'Bountra, C.'                          8  
'Bochkarev, A.'                        9  
'Min, J.'                              10 
'Ouyang, H.'                           11 
'Structural Genomics Consortium (SGC)' 12 
# 
_citation.id                        primary 
_citation.title                     
'Structural basis of the chromodomain of Cbx3 bound to methylated peptides from histone h1 and G9a.' 
_citation.journal_abbrev            'Plos One' 
_citation.journal_volume            7 
_citation.page_first                e35376 
_citation.page_last                 e35376 
_citation.year                      2012 
_citation.journal_id_ASTM           ? 
_citation.country                   US 
_citation.journal_id_ISSN           1932-6203 
_citation.journal_id_CSD            ? 
_citation.book_publisher            ? 
_citation.pdbx_database_id_PubMed   22514736 
_citation.pdbx_database_id_DOI      10.1371/journal.pone.0035376 
# 
loop_
_citation_author.citation_id 
_citation_author.name 
_citation_author.ordinal 
_citation_author.identifier_ORCID 
primary 'Ruan, J.'         1 ? 
primary 'Ouyang, H.'       2 ? 
primary 'Amaya, M.F.'      3 ? 
primary 'Ravichandran, M.' 4 ? 
primary 'Loppnau, P.'      5 ? 
primary 'Min, J.'          6 ? 
primary 'Zang, J.'         7 ? 
# 
loop_
_entity.id 
_entity.type 
_entity.src_method 
_entity.pdbx_description 
_entity.formula_weight 
_entity.pdbx_number_of_molecules 
_entity.pdbx_ec 
_entity.pdbx_mutation 
_entity.pdbx_fragment 
_entity.details 
1 polymer man 'Chromobox protein homolog 3' 6905.726 1  ? ? 'UNP residues 29-81' ? 
2 polymer man 'Histone H1.4'                2080.543 1  ? ? 'UNP residues 19-36' ? 
3 water   nat water                         18.015   79 ? ? ?                    ? 
# 
loop_
_entity_name_com.entity_id 
_entity_name_com.name 
1 'HECH, Heterochromatin protein 1 homolog gamma, HP1 gamma, Modifier 2 protein' 
2 'Histone H1b'                                                                  
# 
loop_
_entity_poly.entity_id 
_entity_poly.type 
_entity_poly.nstd_linkage 
_entity_poly.nstd_monomer 
_entity_poly.pdbx_seq_one_letter_code 
_entity_poly.pdbx_seq_one_letter_code_can 
_entity_poly.pdbx_strand_id 
_entity_poly.pdbx_target_identifier 
1 'polypeptide(L)' no no  LYFQGEFVVEKVLDRRVVNGKVEYFLKWKGFTDADNTWEPEENLDCPELIEAFLNSQK 
LYFQGEFVVEKVLDRRVVNGKVEYFLKWKGFTDADNTWEPEENLDCPELIEAFLNSQK A ? 
2 'polypeptide(L)' no yes 'YPVKKKAR(MLY)SAGAAKRKAS'                                  YPVKKKARKSAGAAKRKAS T ? 
# 
_pdbx_entity_nonpoly.entity_id   3 
_pdbx_entity_nonpoly.name        water 
_pdbx_entity_nonpoly.comp_id     HOH 
# 
loop_
_entity_poly_seq.entity_id 
_entity_poly_seq.num 
_entity_poly_seq.mon_id 
_entity_poly_seq.hetero 
1 1  LEU n 
1 2  TYR n 
1 3  PHE n 
1 4  GLN n 
1 5  GLY n 
1 6  GLU n 
1 7  PHE n 
1 8  VAL n 
1 9  VAL n 
1 10 GLU n 
1 11 LYS n 
1 12 VAL n 
1 13 LEU n 
1 14 ASP n 
1 15 ARG n 
1 16 ARG n 
1 17 VAL n 
1 18 VAL n 
1 19 ASN n 
1 20 GLY n 
1 21 LYS n 
1 22 VAL n 
1 23 GLU n 
1 24 TYR n 
1 25 PHE n 
1 26 LEU n 
1 27 LYS n 
1 28 TRP n 
1 29 LYS n 
1 30 GLY n 
1 31 PHE n 
1 32 THR n 
1 33 ASP n 
1 34 ALA n 
1 35 ASP n 
1 36 ASN n 
1 37 THR n 
1 38 TRP n 
1 39 GLU n 
1 40 PRO n 
1 41 GLU n 
1 42 GLU n 
1 43 ASN n 
1 44 LEU n 
1 45 ASP n 
1 46 CYS n 
1 47 PRO n 
1 48 GLU n 
1 49 LEU n 
1 50 ILE n 
1 51 GLU n 
1 52 ALA n 
1 53 PHE n 
1 54 LEU n 
1 55 ASN n 
1 56 SER n 
1 57 GLN n 
1 58 LYS n 
2 1  TYR n 
2 2  PRO n 
2 3  VAL n 
2 4  LYS n 
2 5  LYS n 
2 6  LYS n 
2 7  ALA n 
2 8  ARG n 
2 9  MLY n 
2 10 SER n 
2 11 ALA n 
2 12 GLY n 
2 13 ALA n 
2 14 ALA n 
2 15 LYS n 
2 16 ARG n 
2 17 LYS n 
2 18 ALA n 
2 19 SER n 
# 
loop_
_entity_src_gen.entity_id 
_entity_src_gen.pdbx_src_id 
_entity_src_gen.pdbx_alt_source_flag 
_entity_src_gen.pdbx_seq_type 
_entity_src_gen.pdbx_beg_seq_num 
_entity_src_gen.pdbx_end_seq_num 
_entity_src_gen.gene_src_common_name 
_entity_src_gen.gene_src_genus 
_entity_src_gen.pdbx_gene_src_gene 
_entity_src_gen.gene_src_species 
_entity_src_gen.gene_src_strain 
_entity_src_gen.gene_src_tissue 
_entity_src_gen.gene_src_tissue_fraction 
_entity_src_gen.gene_src_details 
_entity_src_gen.pdbx_gene_src_fragment 
_entity_src_gen.pdbx_gene_src_scientific_name 
_entity_src_gen.pdbx_gene_src_ncbi_taxonomy_id 
_entity_src_gen.pdbx_gene_src_variant 
_entity_src_gen.pdbx_gene_src_cell_line 
_entity_src_gen.pdbx_gene_src_atcc 
_entity_src_gen.pdbx_gene_src_organ 
_entity_src_gen.pdbx_gene_src_organelle 
_entity_src_gen.pdbx_gene_src_cell 
_entity_src_gen.pdbx_gene_src_cellular_location 
_entity_src_gen.host_org_common_name 
_entity_src_gen.pdbx_host_org_scientific_name 
_entity_src_gen.pdbx_host_org_ncbi_taxonomy_id 
_entity_src_gen.host_org_genus 
_entity_src_gen.pdbx_host_org_gene 
_entity_src_gen.pdbx_host_org_organ 
_entity_src_gen.host_org_species 
_entity_src_gen.pdbx_host_org_tissue 
_entity_src_gen.pdbx_host_org_tissue_fraction 
_entity_src_gen.pdbx_host_org_strain 
_entity_src_gen.pdbx_host_org_variant 
_entity_src_gen.pdbx_host_org_cell_line 
_entity_src_gen.pdbx_host_org_atcc 
_entity_src_gen.pdbx_host_org_culture_collection 
_entity_src_gen.pdbx_host_org_cell 
_entity_src_gen.pdbx_host_org_organelle 
_entity_src_gen.pdbx_host_org_cellular_location 
_entity_src_gen.pdbx_host_org_vector_type 
_entity_src_gen.pdbx_host_org_vector 
_entity_src_gen.host_org_details 
_entity_src_gen.expression_system_id 
_entity_src_gen.plasmid_name 
_entity_src_gen.plasmid_details 
_entity_src_gen.pdbx_description 
1 1 sample ? ? ? human ? CBX3             ? ? ? ? ? ? 'Homo sapiens' 9606 ? ? ? ? ? ? ? ? ? ? ? ? ? ? ? ? ? ? ? ? ? ? ? ? ? ? ? ? 
? ? ? 
2 1 sample ? ? ? human ? 'HIST1H1E, H1F4' ? ? ? ? ? ? 'Homo sapiens' 9606 ? ? ? ? ? ? ? ? ? ? ? ? ? ? ? ? ? ? ? ? ? ? ? ? ? ? ? ? 
? ? ? 
# 
loop_
_chem_comp.id 
_chem_comp.type 
_chem_comp.mon_nstd_flag 
_chem_comp.name 
_chem_comp.pdbx_synonyms 
_chem_comp.formula 
_chem_comp.formula_weight 
ALA 'L-peptide linking' y ALANINE           ? 'C3 H7 N O2'     89.093  
ARG 'L-peptide linking' y ARGININE          ? 'C6 H15 N4 O2 1' 175.209 
ASN 'L-peptide linking' y ASPARAGINE        ? 'C4 H8 N2 O3'    132.118 
ASP 'L-peptide linking' y 'ASPARTIC ACID'   ? 'C4 H7 N O4'     133.103 
CYS 'L-peptide linking' y CYSTEINE          ? 'C3 H7 N O2 S'   121.158 
GLN 'L-peptide linking' y GLUTAMINE         ? 'C5 H10 N2 O3'   146.144 
GLU 'L-peptide linking' y 'GLUTAMIC ACID'   ? 'C5 H9 N O4'     147.129 
GLY 'peptide linking'   y GLYCINE           ? 'C2 H5 N O2'     75.067  
HOH non-polymer         . WATER             ? 'H2 O'           18.015  
ILE 'L-peptide linking' y ISOLEUCINE        ? 'C6 H13 N O2'    131.173 
LEU 'L-peptide linking' y LEUCINE           ? 'C6 H13 N O2'    131.173 
LYS 'L-peptide linking' y LYSINE            ? 'C6 H15 N2 O2 1' 147.195 
MLY 'L-peptide linking' n N-DIMETHYL-LYSINE ? 'C8 H18 N2 O2'   174.241 
PHE 'L-peptide linking' y PHENYLALANINE     ? 'C9 H11 N O2'    165.189 
PRO 'L-peptide linking' y PROLINE           ? 'C5 H9 N O2'     115.130 
SER 'L-peptide linking' y SERINE            ? 'C3 H7 N O3'     105.093 
THR 'L-peptide linking' y THREONINE         ? 'C4 H9 N O3'     119.119 
TRP 'L-peptide linking' y TRYPTOPHAN        ? 'C11 H12 N2 O2'  204.225 
TYR 'L-peptide linking' y TYROSINE          ? 'C9 H11 N O3'    181.189 
VAL 'L-peptide linking' y VALINE            ? 'C5 H11 N O2'    117.146 
# 
loop_
_pdbx_poly_seq_scheme.asym_id 
_pdbx_poly_seq_scheme.entity_id 
_pdbx_poly_seq_scheme.seq_id 
_pdbx_poly_seq_scheme.mon_id 
_pdbx_poly_seq_scheme.ndb_seq_num 
_pdbx_poly_seq_scheme.pdb_seq_num 
_pdbx_poly_seq_scheme.auth_seq_num 
_pdbx_poly_seq_scheme.pdb_mon_id 
_pdbx_poly_seq_scheme.auth_mon_id 
_pdbx_poly_seq_scheme.pdb_strand_id 
_pdbx_poly_seq_scheme.pdb_ins_code 
_pdbx_poly_seq_scheme.hetero 
A 1 1  LEU 1  24 24 LEU LEU A . n 
A 1 2  TYR 2  25 25 TYR TYR A . n 
A 1 3  PHE 3  26 26 PHE PHE A . n 
A 1 4  GLN 4  27 27 GLN GLN A . n 
A 1 5  GLY 5  28 28 GLY GLY A . n 
A 1 6  GLU 6  29 29 GLU GLU A . n 
A 1 7  PHE 7  30 30 PHE PHE A . n 
A 1 8  VAL 8  31 31 VAL VAL A . n 
A 1 9  VAL 9  32 32 VAL VAL A . n 
A 1 10 GLU 10 33 33 GLU GLU A . n 
A 1 11 LYS 11 34 34 LYS LYS A . n 
A 1 12 VAL 12 35 35 VAL VAL A . n 
A 1 13 LEU 13 36 36 LEU LEU A . n 
A 1 14 ASP 14 37 37 ASP ASP A . n 
A 1 15 ARG 15 38 38 ARG ARG A . n 
A 1 16 ARG 16 39 39 ARG ARG A . n 
A 1 17 VAL 17 40 40 VAL VAL A . n 
A 1 18 VAL 18 41 41 VAL VAL A . n 
A 1 19 ASN 19 42 42 ASN ASN A . n 
A 1 20 GLY 20 43 43 GLY GLY A . n 
A 1 21 LYS 21 44 44 LYS LYS A . n 
A 1 22 VAL 22 45 45 VAL VAL A . n 
A 1 23 GLU 23 46 46 GLU GLU A . n 
A 1 24 TYR 24 47 47 TYR TYR A . n 
A 1 25 PHE 25 48 48 PHE PHE A . n 
A 1 26 LEU 26 49 49 LEU LEU A . n 
A 1 27 LYS 27 50 50 LYS LYS A . n 
A 1 28 TRP 28 51 51 TRP TRP A . n 
A 1 29 LYS 29 52 52 LYS LYS A . n 
A 1 30 GLY 30 53 53 GLY GLY A . n 
A 1 31 PHE 31 54 54 PHE PHE A . n 
A 1 32 THR 32 55 55 THR THR A . n 
A 1 33 ASP 33 56 56 ASP ASP A . n 
A 1 34 ALA 34 57 57 ALA ALA A . n 
A 1 35 ASP 35 58 58 ASP ASP A . n 
A 1 36 ASN 36 59 59 ASN ASN A . n 
A 1 37 THR 37 60 60 THR THR A . n 
A 1 38 TRP 38 61 61 TRP TRP A . n 
A 1 39 GLU 39 62 62 GLU GLU A . n 
A 1 40 PRO 40 63 63 PRO PRO A . n 
A 1 41 GLU 41 64 64 GLU GLU A . n 
A 1 42 GLU 42 65 65 GLU GLU A . n 
A 1 43 ASN 43 66 66 ASN ASN A . n 
A 1 44 LEU 44 67 67 LEU LEU A . n 
A 1 45 ASP 45 68 68 ASP ASP A . n 
A 1 46 CYS 46 69 69 CYS CYS A . n 
A 1 47 PRO 47 70 70 PRO PRO A . n 
A 1 48 GLU 48 71 71 GLU GLU A . n 
A 1 49 LEU 49 72 72 LEU LEU A . n 
A 1 50 ILE 50 73 73 ILE ILE A . n 
A 1 51 GLU 51 74 74 GLU GLU A . n 
A 1 52 ALA 52 75 75 ALA ALA A . n 
A 1 53 PHE 53 76 76 PHE PHE A . n 
A 1 54 LEU 54 77 77 LEU LEU A . n 
A 1 55 ASN 55 78 78 ASN ASN A . n 
A 1 56 SER 56 79 79 SER SER A . n 
A 1 57 GLN 57 80 80 GLN GLN A . n 
A 1 58 LYS 58 81 81 LYS ALA A . n 
B 2 1  TYR 1  18 18 TYR TYR T . n 
B 2 2  PRO 2  19 19 PRO PRO T . n 
B 2 3  VAL 3  20 20 VAL VAL T . n 
B 2 4  LYS 4  21 21 LYS LYS T . n 
B 2 5  LYS 5  22 22 LYS LYS T . n 
B 2 6  LYS 6  23 23 LYS LYS T . n 
B 2 7  ALA 7  24 24 ALA ALA T . n 
B 2 8  ARG 8  25 25 ARG ARG T . n 
B 2 9  MLY 9  26 26 MLY MLY T . n 
B 2 10 SER 10 27 27 SER SER T . n 
B 2 11 ALA 11 28 28 ALA ALA T . n 
B 2 12 GLY 12 29 29 GLY GLY T . n 
B 2 13 ALA 13 30 ?  ?   ?   T . n 
B 2 14 ALA 14 31 ?  ?   ?   T . n 
B 2 15 LYS 15 32 ?  ?   ?   T . n 
B 2 16 ARG 16 33 ?  ?   ?   T . n 
B 2 17 LYS 17 34 ?  ?   ?   T . n 
B 2 18 ALA 18 35 ?  ?   ?   T . n 
B 2 19 SER 19 36 ?  ?   ?   T . n 
# 
loop_
_pdbx_nonpoly_scheme.asym_id 
_pdbx_nonpoly_scheme.entity_id 
_pdbx_nonpoly_scheme.mon_id 
_pdbx_nonpoly_scheme.ndb_seq_num 
_pdbx_nonpoly_scheme.pdb_seq_num 
_pdbx_nonpoly_scheme.auth_seq_num 
_pdbx_nonpoly_scheme.pdb_mon_id 
_pdbx_nonpoly_scheme.auth_mon_id 
_pdbx_nonpoly_scheme.pdb_strand_id 
_pdbx_nonpoly_scheme.pdb_ins_code 
C 3 HOH 1  1   1  HOH HOH A . 
C 3 HOH 2  2   2  HOH HOH A . 
C 3 HOH 3  3   3  HOH HOH A . 
C 3 HOH 4  4   4  HOH HOH A . 
C 3 HOH 5  5   5  HOH HOH A . 
C 3 HOH 6  6   6  HOH HOH A . 
C 3 HOH 7  7   7  HOH HOH A . 
C 3 HOH 8  9   9  HOH HOH A . 
C 3 HOH 9  10  10 HOH HOH A . 
C 3 HOH 10 11  11 HOH HOH A . 
C 3 HOH 11 12  12 HOH HOH A . 
C 3 HOH 12 13  13 HOH HOH A . 
C 3 HOH 13 14  14 HOH HOH A . 
C 3 HOH 14 16  16 HOH HOH A . 
C 3 HOH 15 18  18 HOH HOH A . 
C 3 HOH 16 19  19 HOH HOH A . 
C 3 HOH 17 20  20 HOH HOH A . 
C 3 HOH 18 21  21 HOH HOH A . 
C 3 HOH 19 22  22 HOH HOH A . 
C 3 HOH 20 23  23 HOH HOH A . 
C 3 HOH 21 82  24 HOH HOH A . 
C 3 HOH 22 83  25 HOH HOH A . 
C 3 HOH 23 84  26 HOH HOH A . 
C 3 HOH 24 85  27 HOH HOH A . 
C 3 HOH 25 86  28 HOH HOH A . 
C 3 HOH 26 87  30 HOH HOH A . 
C 3 HOH 27 88  31 HOH HOH A . 
C 3 HOH 28 89  32 HOH HOH A . 
C 3 HOH 29 90  33 HOH HOH A . 
C 3 HOH 30 91  34 HOH HOH A . 
C 3 HOH 31 92  35 HOH HOH A . 
C 3 HOH 32 93  36 HOH HOH A . 
C 3 HOH 33 94  37 HOH HOH A . 
C 3 HOH 34 95  38 HOH HOH A . 
C 3 HOH 35 96  39 HOH HOH A . 
C 3 HOH 36 97  40 HOH HOH A . 
C 3 HOH 37 98  41 HOH HOH A . 
C 3 HOH 38 99  42 HOH HOH A . 
C 3 HOH 39 100 43 HOH HOH A . 
C 3 HOH 40 101 45 HOH HOH A . 
C 3 HOH 41 102 46 HOH HOH A . 
C 3 HOH 42 103 47 HOH HOH A . 
C 3 HOH 43 104 49 HOH HOH A . 
C 3 HOH 44 105 50 HOH HOH A . 
C 3 HOH 45 107 53 HOH HOH A . 
C 3 HOH 46 108 54 HOH HOH A . 
C 3 HOH 47 109 55 HOH HOH A . 
C 3 HOH 48 110 56 HOH HOH A . 
C 3 HOH 49 111 58 HOH HOH A . 
C 3 HOH 50 112 59 HOH HOH A . 
C 3 HOH 51 113 61 HOH HOH A . 
C 3 HOH 52 114 63 HOH HOH A . 
C 3 HOH 53 115 64 HOH HOH A . 
C 3 HOH 54 116 65 HOH HOH A . 
C 3 HOH 55 117 69 HOH HOH A . 
C 3 HOH 56 118 70 HOH HOH A . 
C 3 HOH 57 119 71 HOH HOH A . 
C 3 HOH 58 120 73 HOH HOH A . 
C 3 HOH 59 121 74 HOH HOH A . 
C 3 HOH 60 122 75 HOH HOH A . 
C 3 HOH 61 123 76 HOH HOH A . 
C 3 HOH 62 124 77 HOH HOH A . 
D 3 HOH 1  8   8  HOH HOH T . 
D 3 HOH 2  15  15 HOH HOH T . 
D 3 HOH 3  17  17 HOH HOH T . 
D 3 HOH 4  37  29 HOH HOH T . 
D 3 HOH 5  44  44 HOH HOH T . 
D 3 HOH 6  48  48 HOH HOH T . 
D 3 HOH 7  51  51 HOH HOH T . 
D 3 HOH 8  57  57 HOH HOH T . 
D 3 HOH 9  60  60 HOH HOH T . 
D 3 HOH 10 62  62 HOH HOH T . 
D 3 HOH 11 66  66 HOH HOH T . 
D 3 HOH 12 67  67 HOH HOH T . 
D 3 HOH 13 68  68 HOH HOH T . 
D 3 HOH 14 72  72 HOH HOH T . 
D 3 HOH 15 78  78 HOH HOH T . 
D 3 HOH 16 79  79 HOH HOH T . 
D 3 HOH 17 106 52 HOH HOH T . 
# 
loop_
_pdbx_unobs_or_zero_occ_atoms.id 
_pdbx_unobs_or_zero_occ_atoms.PDB_model_num 
_pdbx_unobs_or_zero_occ_atoms.polymer_flag 
_pdbx_unobs_or_zero_occ_atoms.occupancy_flag 
_pdbx_unobs_or_zero_occ_atoms.auth_asym_id 
_pdbx_unobs_or_zero_occ_atoms.auth_comp_id 
_pdbx_unobs_or_zero_occ_atoms.auth_seq_id 
_pdbx_unobs_or_zero_occ_atoms.PDB_ins_code 
_pdbx_unobs_or_zero_occ_atoms.auth_atom_id 
_pdbx_unobs_or_zero_occ_atoms.label_alt_id 
_pdbx_unobs_or_zero_occ_atoms.label_asym_id 
_pdbx_unobs_or_zero_occ_atoms.label_comp_id 
_pdbx_unobs_or_zero_occ_atoms.label_seq_id 
_pdbx_unobs_or_zero_occ_atoms.label_atom_id 
1 1 Y 1 A LYS 81 ? CG ? A LYS 58 CG 
2 1 Y 1 A LYS 81 ? CD ? A LYS 58 CD 
3 1 Y 1 A LYS 81 ? CE ? A LYS 58 CE 
4 1 Y 1 A LYS 81 ? NZ ? A LYS 58 NZ 
# 
loop_
_software.name 
_software.classification 
_software.version 
_software.citation_id 
_software.pdbx_ordinal 
HKL-2000 'data collection' .        ? 1 
MOLREP   phasing           .        ? 2 
REFMAC   refinement        5.2.0019 ? 3 
HKL-2000 'data reduction'  .        ? 4 
HKL-2000 'data scaling'    .        ? 5 
# 
_cell.entry_id           3TZD 
_cell.length_a           92.209 
_cell.length_b           92.209 
_cell.length_c           92.209 
_cell.angle_alpha        90.00 
_cell.angle_beta         90.00 
_cell.angle_gamma        90.00 
_cell.Z_PDB              24 
_cell.pdbx_unique_axis   ? 
_cell.length_a_esd       ? 
_cell.length_b_esd       ? 
_cell.length_c_esd       ? 
_cell.angle_alpha_esd    ? 
_cell.angle_beta_esd     ? 
_cell.angle_gamma_esd    ? 
# 
_symmetry.entry_id                         3TZD 
_symmetry.space_group_name_H-M             'I 2 3' 
_symmetry.pdbx_full_space_group_name_H-M   ? 
_symmetry.cell_setting                     ? 
_symmetry.Int_Tables_number                197 
_symmetry.space_group_name_Hall            ? 
# 
_exptl.entry_id          3TZD 
_exptl.method            'X-RAY DIFFRACTION' 
_exptl.crystals_number   1 
# 
_exptl_crystal.id                    1 
_exptl_crystal.density_meas          ? 
_exptl_crystal.density_Matthews      3.64 
_exptl_crystal.density_percent_sol   66.16 
_exptl_crystal.description           ? 
_exptl_crystal.F_000                 ? 
_exptl_crystal.preparation           ? 
# 
_exptl_crystal_grow.crystal_id      1 
_exptl_crystal_grow.method          'VAPOR DIFFUSION, SITTING DROP' 
_exptl_crystal_grow.temp            300 
_exptl_crystal_grow.temp_details    ? 
_exptl_crystal_grow.pH              6.5 
_exptl_crystal_grow.pdbx_details    'peg, pH 6.5, VAPOR DIFFUSION, SITTING DROP, temperature 300K' 
_exptl_crystal_grow.pdbx_pH_range   ? 
# 
_diffrn.id                     1 
_diffrn.ambient_temp           ? 
_diffrn.ambient_temp_details   ? 
_diffrn.crystal_id             1 
# 
_diffrn_detector.diffrn_id              1 
_diffrn_detector.detector               'IMAGE PLATE' 
_diffrn_detector.type                   'RIGAKU RAXIS IV' 
_diffrn_detector.pdbx_collection_date   2009-10-23 
_diffrn_detector.details                si 
# 
_diffrn_radiation.diffrn_id                        1 
_diffrn_radiation.wavelength_id                    1 
_diffrn_radiation.pdbx_monochromatic_or_laue_m_l   M 
_diffrn_radiation.monochromator                    ? 
_diffrn_radiation.pdbx_diffrn_protocol             'SINGLE WAVELENGTH' 
_diffrn_radiation.pdbx_scattering_type             x-ray 
# 
_diffrn_radiation_wavelength.id           1 
_diffrn_radiation_wavelength.wavelength   1.5418 
_diffrn_radiation_wavelength.wt           1.0 
# 
_diffrn_source.diffrn_id                   1 
_diffrn_source.source                      'ROTATING ANODE' 
_diffrn_source.type                        'RIGAKU FR-E DW' 
_diffrn_source.pdbx_synchrotron_site       ? 
_diffrn_source.pdbx_synchrotron_beamline   ? 
_diffrn_source.pdbx_wavelength             ? 
_diffrn_source.pdbx_wavelength_list        1.5418 
# 
_reflns.entry_id                     3TZD 
_reflns.observed_criterion_sigma_I   0 
_reflns.observed_criterion_sigma_F   0 
_reflns.d_resolution_low             40 
_reflns.d_resolution_high            1.81 
_reflns.number_obs                   12066 
_reflns.number_all                   12066 
_reflns.percent_possible_obs         98.3 
_reflns.pdbx_netI_over_sigmaI        ? 
_reflns.B_iso_Wilson_estimate        ? 
_reflns.pdbx_redundancy              ? 
_reflns.R_free_details               ? 
_reflns.limit_h_max                  ? 
_reflns.limit_h_min                  ? 
_reflns.limit_k_max                  ? 
_reflns.limit_k_min                  ? 
_reflns.limit_l_max                  ? 
_reflns.limit_l_min                  ? 
_reflns.observed_criterion_F_max     ? 
_reflns.observed_criterion_F_min     ? 
_reflns.pdbx_chi_squared             ? 
_reflns.pdbx_scaling_rejects         ? 
_reflns.pdbx_Rmerge_I_obs            ? 
_reflns.pdbx_Rsym_value              ? 
_reflns.pdbx_ordinal                 1 
_reflns.pdbx_diffrn_id               1 
# 
_refine.entry_id                                 3TZD 
_refine.ls_number_reflns_obs                     11460 
_refine.ls_number_reflns_all                     11460 
_refine.pdbx_ls_sigma_I                          ? 
_refine.pdbx_ls_sigma_F                          0 
_refine.pdbx_data_cutoff_high_absF               ? 
_refine.pdbx_data_cutoff_low_absF                ? 
_refine.pdbx_data_cutoff_high_rms_absF           ? 
_refine.ls_d_res_low                             29.16 
_refine.ls_d_res_high                            1.81 
_refine.ls_percent_reflns_obs                    99.76 
_refine.ls_R_factor_obs                          0.20029 
_refine.ls_R_factor_all                          0.20029 
_refine.ls_R_factor_R_work                       0.19870 
_refine.ls_R_factor_R_free                       0.23115 
_refine.ls_R_factor_R_free_error                 ? 
_refine.ls_R_factor_R_free_error_details         ? 
_refine.ls_percent_reflns_R_free                 4.8 
_refine.ls_number_reflns_R_free                  575 
_refine.ls_number_parameters                     ? 
_refine.ls_number_restraints                     ? 
_refine.occupancy_min                            ? 
_refine.occupancy_max                            ? 
_refine.correlation_coeff_Fo_to_Fc               0.945 
_refine.correlation_coeff_Fo_to_Fc_free          0.921 
_refine.B_iso_mean                               19.509 
_refine.aniso_B[1][1]                            ? 
_refine.aniso_B[2][2]                            ? 
_refine.aniso_B[3][3]                            ? 
_refine.aniso_B[1][2]                            ? 
_refine.aniso_B[1][3]                            ? 
_refine.aniso_B[2][3]                            ? 
_refine.solvent_model_details                    MASK 
_refine.solvent_model_param_ksol                 ? 
_refine.solvent_model_param_bsol                 ? 
_refine.pdbx_solvent_vdw_probe_radii             1.40 
_refine.pdbx_solvent_ion_probe_radii             0.80 
_refine.pdbx_solvent_shrinkage_radii             0.80 
_refine.pdbx_ls_cross_valid_method               THROUGHOUT 
_refine.details                                  'HYDROGENS HAVE BEEN ADDED IN THE RIDING POSITIONS' 
_refine.pdbx_starting_model                      ? 
_refine.pdbx_method_to_determine_struct          'MOLECULAR REPLACEMENT' 
_refine.pdbx_isotropic_thermal_model             ? 
_refine.pdbx_stereochemistry_target_values       'MAXIMUM LIKELIHOOD' 
_refine.pdbx_stereochem_target_val_spec_case     ? 
_refine.pdbx_R_Free_selection_details            RANDOM 
_refine.pdbx_overall_ESU_R_Free                  0.104 
_refine.overall_SU_ML                            0.064 
_refine.pdbx_overall_phase_error                 ? 
_refine.overall_SU_B                             1.968 
_refine.overall_SU_R_Cruickshank_DPI             ? 
_refine.ls_redundancy_reflns_obs                 ? 
_refine.B_iso_min                                ? 
_refine.B_iso_max                                ? 
_refine.overall_SU_R_free                        ? 
_refine.ls_wR_factor_R_free                      ? 
_refine.ls_wR_factor_R_work                      ? 
_refine.overall_FOM_free_R_set                   ? 
_refine.overall_FOM_work_R_set                   ? 
_refine.pdbx_diffrn_id                           1 
_refine.pdbx_refine_id                           'X-RAY DIFFRACTION' 
_refine.pdbx_overall_ESU_R                       ? 
_refine.pdbx_TLS_residual_ADP_flag               ? 
_refine.pdbx_overall_SU_R_free_Cruickshank_DPI   ? 
_refine.pdbx_overall_SU_R_Blow_DPI               ? 
_refine.pdbx_overall_SU_R_free_Blow_DPI          ? 
# 
_refine_hist.pdbx_refine_id                   'X-RAY DIFFRACTION' 
_refine_hist.cycle_id                         LAST 
_refine_hist.pdbx_number_atoms_protein        579 
_refine_hist.pdbx_number_atoms_nucleic_acid   0 
_refine_hist.pdbx_number_atoms_ligand         0 
_refine_hist.number_atoms_solvent             79 
_refine_hist.number_atoms_total               658 
_refine_hist.d_res_high                       1.81 
_refine_hist.d_res_low                        29.16 
# 
loop_
_refine_ls_restr.type 
_refine_ls_restr.dev_ideal 
_refine_ls_restr.dev_ideal_target 
_refine_ls_restr.weight 
_refine_ls_restr.number 
_refine_ls_restr.pdbx_restraint_function 
_refine_ls_restr.pdbx_refine_id 
r_bond_refined_d             0.019  0.022  ? 619 ? 'X-RAY DIFFRACTION' 
r_bond_other_d               ?      ?      ? ?   ? 'X-RAY DIFFRACTION' 
r_angle_refined_deg          1.629  1.964  ? 833 ? 'X-RAY DIFFRACTION' 
r_angle_other_deg            ?      ?      ? ?   ? 'X-RAY DIFFRACTION' 
r_dihedral_angle_1_deg       5.798  5.000  ? 72  ? 'X-RAY DIFFRACTION' 
r_dihedral_angle_2_deg       33.748 25.000 ? 32  ? 'X-RAY DIFFRACTION' 
r_dihedral_angle_3_deg       13.114 15.000 ? 110 ? 'X-RAY DIFFRACTION' 
r_dihedral_angle_4_deg       9.478  15.000 ? 3   ? 'X-RAY DIFFRACTION' 
r_chiral_restr               0.119  0.200  ? 85  ? 'X-RAY DIFFRACTION' 
r_gen_planes_refined         0.008  0.020  ? 470 ? 'X-RAY DIFFRACTION' 
r_gen_planes_other           ?      ?      ? ?   ? 'X-RAY DIFFRACTION' 
r_nbd_refined                0.293  0.200  ? 267 ? 'X-RAY DIFFRACTION' 
r_nbd_other                  ?      ?      ? ?   ? 'X-RAY DIFFRACTION' 
r_nbtor_refined              0.309  0.200  ? 419 ? 'X-RAY DIFFRACTION' 
r_nbtor_other                ?      ?      ? ?   ? 'X-RAY DIFFRACTION' 
r_xyhbond_nbd_refined        0.165  0.200  ? 47  ? 'X-RAY DIFFRACTION' 
r_xyhbond_nbd_other          ?      ?      ? ?   ? 'X-RAY DIFFRACTION' 
r_metal_ion_refined          ?      ?      ? ?   ? 'X-RAY DIFFRACTION' 
r_metal_ion_other            ?      ?      ? ?   ? 'X-RAY DIFFRACTION' 
r_symmetry_vdw_refined       0.142  0.200  ? 23  ? 'X-RAY DIFFRACTION' 
r_symmetry_vdw_other         ?      ?      ? ?   ? 'X-RAY DIFFRACTION' 
r_symmetry_hbond_refined     0.133  0.200  ? 23  ? 'X-RAY DIFFRACTION' 
r_symmetry_hbond_other       ?      ?      ? ?   ? 'X-RAY DIFFRACTION' 
r_symmetry_metal_ion_refined ?      ?      ? ?   ? 'X-RAY DIFFRACTION' 
r_symmetry_metal_ion_other   ?      ?      ? ?   ? 'X-RAY DIFFRACTION' 
r_mcbond_it                  1.315  1.500  ? 380 ? 'X-RAY DIFFRACTION' 
r_mcbond_other               ?      ?      ? ?   ? 'X-RAY DIFFRACTION' 
r_mcangle_it                 1.779  2.000  ? 583 ? 'X-RAY DIFFRACTION' 
r_scbond_it                  2.939  3.000  ? 286 ? 'X-RAY DIFFRACTION' 
r_scangle_it                 4.244  4.500  ? 250 ? 'X-RAY DIFFRACTION' 
r_rigid_bond_restr           ?      ?      ? ?   ? 'X-RAY DIFFRACTION' 
r_sphericity_free            ?      ?      ? ?   ? 'X-RAY DIFFRACTION' 
r_sphericity_bonded          ?      ?      ? ?   ? 'X-RAY DIFFRACTION' 
# 
_refine_ls_shell.pdbx_total_number_of_bins_used   20 
_refine_ls_shell.d_res_high                       1.81 
_refine_ls_shell.d_res_low                        1.856 
_refine_ls_shell.number_reflns_R_work             820 
_refine_ls_shell.R_factor_R_work                  0.276 
_refine_ls_shell.percent_reflns_obs               100.00 
_refine_ls_shell.R_factor_R_free                  0.306 
_refine_ls_shell.R_factor_R_free_error            ? 
_refine_ls_shell.percent_reflns_R_free            ? 
_refine_ls_shell.number_reflns_R_free             45 
_refine_ls_shell.number_reflns_all                ? 
_refine_ls_shell.R_factor_all                     ? 
_refine_ls_shell.number_reflns_obs                ? 
_refine_ls_shell.redundancy_reflns_obs            ? 
_refine_ls_shell.pdbx_refine_id                   'X-RAY DIFFRACTION' 
# 
_struct.entry_id                  3TZD 
_struct.title                     'Crystal structure of the complex of Human Chromobox Homolog 3 (CBX3)' 
_struct.pdbx_model_details        ? 
_struct.pdbx_CASP_flag            ? 
_struct.pdbx_model_type_details   ? 
# 
_struct_keywords.entry_id        3TZD 
_struct_keywords.pdbx_keywords   'TRANSCRIPTION/DNA binding Protein' 
_struct_keywords.text            
;STRUCTURAL GENOMICS CONSORTIUM, SGC, CHROMATIN REGULATOR, NUCLEUS, PHOSPHOPROTEIN, REPRESSOR, TRANSCRIPTION REGULATION, TRANSCRIPTION-DNA binding Protein complex
;
# 
loop_
_struct_asym.id 
_struct_asym.pdbx_blank_PDB_chainid_flag 
_struct_asym.pdbx_modified 
_struct_asym.entity_id 
_struct_asym.details 
A N N 1 ? 
B N N 2 ? 
C N N 3 ? 
D N N 3 ? 
# 
loop_
_struct_ref.id 
_struct_ref.db_name 
_struct_ref.db_code 
_struct_ref.pdbx_db_accession 
_struct_ref.entity_id 
_struct_ref.pdbx_seq_one_letter_code 
_struct_ref.pdbx_align_begin 
_struct_ref.pdbx_db_isoform 
1 UNP CBX3_HUMAN Q13185 1 EFVVEKVLDRRVVNGKVEYFLKWKGFTDADNTWEPEENLDCPELIEAFLNSQK 29 ? 
2 UNP H14_HUMAN  P10412 2 PVKKKARKSAGAAKRKAS                                    19 ? 
# 
loop_
_struct_ref_seq.align_id 
_struct_ref_seq.ref_id 
_struct_ref_seq.pdbx_PDB_id_code 
_struct_ref_seq.pdbx_strand_id 
_struct_ref_seq.seq_align_beg 
_struct_ref_seq.pdbx_seq_align_beg_ins_code 
_struct_ref_seq.seq_align_end 
_struct_ref_seq.pdbx_seq_align_end_ins_code 
_struct_ref_seq.pdbx_db_accession 
_struct_ref_seq.db_align_beg 
_struct_ref_seq.pdbx_db_align_beg_ins_code 
_struct_ref_seq.db_align_end 
_struct_ref_seq.pdbx_db_align_end_ins_code 
_struct_ref_seq.pdbx_auth_seq_align_beg 
_struct_ref_seq.pdbx_auth_seq_align_end 
1 1 3TZD A 6 ? 58 ? Q13185 29 ? 81 ? 29 81 
2 2 3TZD T 2 ? 19 ? P10412 19 ? 36 ? 19 36 
# 
loop_
_struct_ref_seq_dif.align_id 
_struct_ref_seq_dif.pdbx_pdb_id_code 
_struct_ref_seq_dif.mon_id 
_struct_ref_seq_dif.pdbx_pdb_strand_id 
_struct_ref_seq_dif.seq_num 
_struct_ref_seq_dif.pdbx_pdb_ins_code 
_struct_ref_seq_dif.pdbx_seq_db_name 
_struct_ref_seq_dif.pdbx_seq_db_accession_code 
_struct_ref_seq_dif.db_mon_id 
_struct_ref_seq_dif.pdbx_seq_db_seq_num 
_struct_ref_seq_dif.details 
_struct_ref_seq_dif.pdbx_auth_seq_num 
_struct_ref_seq_dif.pdbx_ordinal 
1 3TZD LEU A 1 ? UNP Q13185 ? ? 'expression tag' 24 1 
1 3TZD TYR A 2 ? UNP Q13185 ? ? 'expression tag' 25 2 
1 3TZD PHE A 3 ? UNP Q13185 ? ? 'expression tag' 26 3 
1 3TZD GLN A 4 ? UNP Q13185 ? ? 'expression tag' 27 4 
1 3TZD GLY A 5 ? UNP Q13185 ? ? 'expression tag' 28 5 
2 3TZD TYR T 1 ? UNP P10412 ? ? 'expression tag' 18 6 
# 
_pdbx_struct_assembly.id                   1 
_pdbx_struct_assembly.details              author_and_software_defined_assembly 
_pdbx_struct_assembly.method_details       PISA 
_pdbx_struct_assembly.oligomeric_details   dimeric 
_pdbx_struct_assembly.oligomeric_count     2 
# 
loop_
_pdbx_struct_assembly_prop.biol_id 
_pdbx_struct_assembly_prop.type 
_pdbx_struct_assembly_prop.value 
_pdbx_struct_assembly_prop.details 
1 'ABSA (A^2)' 1560 ? 
1 MORE         -7   ? 
1 'SSA (A^2)'  4900 ? 
# 
_pdbx_struct_assembly_gen.assembly_id       1 
_pdbx_struct_assembly_gen.oper_expression   1 
_pdbx_struct_assembly_gen.asym_id_list      A,B,C,D 
# 
_pdbx_struct_oper_list.id                   1 
_pdbx_struct_oper_list.type                 'identity operation' 
_pdbx_struct_oper_list.name                 1_555 
_pdbx_struct_oper_list.symmetry_operation   x,y,z 
_pdbx_struct_oper_list.matrix[1][1]         1.0000000000 
_pdbx_struct_oper_list.matrix[1][2]         0.0000000000 
_pdbx_struct_oper_list.matrix[1][3]         0.0000000000 
_pdbx_struct_oper_list.vector[1]            0.0000000000 
_pdbx_struct_oper_list.matrix[2][1]         0.0000000000 
_pdbx_struct_oper_list.matrix[2][2]         1.0000000000 
_pdbx_struct_oper_list.matrix[2][3]         0.0000000000 
_pdbx_struct_oper_list.vector[2]            0.0000000000 
_pdbx_struct_oper_list.matrix[3][1]         0.0000000000 
_pdbx_struct_oper_list.matrix[3][2]         0.0000000000 
_pdbx_struct_oper_list.matrix[3][3]         1.0000000000 
_pdbx_struct_oper_list.vector[3]            0.0000000000 
# 
_struct_biol.id        1 
_struct_biol.details   ? 
# 
loop_
_struct_conf.conf_type_id 
_struct_conf.id 
_struct_conf.pdbx_PDB_helix_id 
_struct_conf.beg_label_comp_id 
_struct_conf.beg_label_asym_id 
_struct_conf.beg_label_seq_id 
_struct_conf.pdbx_beg_PDB_ins_code 
_struct_conf.end_label_comp_id 
_struct_conf.end_label_asym_id 
_struct_conf.end_label_seq_id 
_struct_conf.pdbx_end_PDB_ins_code 
_struct_conf.beg_auth_comp_id 
_struct_conf.beg_auth_asym_id 
_struct_conf.beg_auth_seq_id 
_struct_conf.end_auth_comp_id 
_struct_conf.end_auth_asym_id 
_struct_conf.end_auth_seq_id 
_struct_conf.pdbx_PDB_helix_class 
_struct_conf.details 
_struct_conf.pdbx_PDB_helix_length 
HELX_P HELX_P1 1 THR A 32 ? ASN A 36 ? THR A 55 ASN A 59 5 ? 5  
HELX_P HELX_P2 2 CYS A 46 ? LYS A 58 ? CYS A 69 LYS A 81 1 ? 13 
# 
_struct_conf_type.id          HELX_P 
_struct_conf_type.criteria    ? 
_struct_conf_type.reference   ? 
# 
loop_
_struct_conn.id 
_struct_conn.conn_type_id 
_struct_conn.pdbx_leaving_atom_flag 
_struct_conn.pdbx_PDB_id 
_struct_conn.ptnr1_label_asym_id 
_struct_conn.ptnr1_label_comp_id 
_struct_conn.ptnr1_label_seq_id 
_struct_conn.ptnr1_label_atom_id 
_struct_conn.pdbx_ptnr1_label_alt_id 
_struct_conn.pdbx_ptnr1_PDB_ins_code 
_struct_conn.pdbx_ptnr1_standard_comp_id 
_struct_conn.ptnr1_symmetry 
_struct_conn.ptnr2_label_asym_id 
_struct_conn.ptnr2_label_comp_id 
_struct_conn.ptnr2_label_seq_id 
_struct_conn.ptnr2_label_atom_id 
_struct_conn.pdbx_ptnr2_label_alt_id 
_struct_conn.pdbx_ptnr2_PDB_ins_code 
_struct_conn.ptnr1_auth_asym_id 
_struct_conn.ptnr1_auth_comp_id 
_struct_conn.ptnr1_auth_seq_id 
_struct_conn.ptnr2_auth_asym_id 
_struct_conn.ptnr2_auth_comp_id 
_struct_conn.ptnr2_auth_seq_id 
_struct_conn.ptnr2_symmetry 
_struct_conn.pdbx_ptnr3_label_atom_id 
_struct_conn.pdbx_ptnr3_label_seq_id 
_struct_conn.pdbx_ptnr3_label_comp_id 
_struct_conn.pdbx_ptnr3_label_asym_id 
_struct_conn.pdbx_ptnr3_label_alt_id 
_struct_conn.pdbx_ptnr3_PDB_ins_code 
_struct_conn.details 
_struct_conn.pdbx_dist_value 
_struct_conn.pdbx_value_order 
_struct_conn.pdbx_role 
covale1 covale both ? B ARG 8 C ? ? ? 1_555 B MLY 9  N ? ? T ARG 25 T MLY 26 1_555 ? ? ? ? ? ? ? 1.479 ? ? 
covale2 covale both ? B MLY 9 C ? ? ? 1_555 B SER 10 N ? ? T MLY 26 T SER 27 1_555 ? ? ? ? ? ? ? 1.450 ? ? 
# 
_struct_conn_type.id          covale 
_struct_conn_type.criteria    ? 
_struct_conn_type.reference   ? 
# 
_pdbx_modification_feature.ordinal                            1 
_pdbx_modification_feature.label_comp_id                      MLY 
_pdbx_modification_feature.label_asym_id                      B 
_pdbx_modification_feature.label_seq_id                       9 
_pdbx_modification_feature.label_alt_id                       ? 
_pdbx_modification_feature.modified_residue_label_comp_id     . 
_pdbx_modification_feature.modified_residue_label_asym_id     . 
_pdbx_modification_feature.modified_residue_label_seq_id      . 
_pdbx_modification_feature.modified_residue_label_alt_id      . 
_pdbx_modification_feature.auth_comp_id                       MLY 
_pdbx_modification_feature.auth_asym_id                       T 
_pdbx_modification_feature.auth_seq_id                        26 
_pdbx_modification_feature.PDB_ins_code                       ? 
_pdbx_modification_feature.symmetry                           1_555 
_pdbx_modification_feature.modified_residue_auth_comp_id      . 
_pdbx_modification_feature.modified_residue_auth_asym_id      . 
_pdbx_modification_feature.modified_residue_auth_seq_id       . 
_pdbx_modification_feature.modified_residue_PDB_ins_code      . 
_pdbx_modification_feature.modified_residue_symmetry          . 
_pdbx_modification_feature.comp_id_linking_atom               . 
_pdbx_modification_feature.modified_residue_id_linking_atom   . 
_pdbx_modification_feature.modified_residue_id                LYS 
_pdbx_modification_feature.ref_pcm_id                         1 
_pdbx_modification_feature.ref_comp_id                        MLY 
_pdbx_modification_feature.type                               Methylation 
_pdbx_modification_feature.category                           'Named protein modification' 
# 
_struct_sheet.id               A 
_struct_sheet.type             ? 
_struct_sheet.number_strands   5 
_struct_sheet.details          ? 
# 
loop_
_struct_sheet_order.sheet_id 
_struct_sheet_order.range_id_1 
_struct_sheet_order.range_id_2 
_struct_sheet_order.offset 
_struct_sheet_order.sense 
A 1 2 ? anti-parallel 
A 2 3 ? anti-parallel 
A 3 4 ? anti-parallel 
A 4 5 ? anti-parallel 
# 
loop_
_struct_sheet_range.sheet_id 
_struct_sheet_range.id 
_struct_sheet_range.beg_label_comp_id 
_struct_sheet_range.beg_label_asym_id 
_struct_sheet_range.beg_label_seq_id 
_struct_sheet_range.pdbx_beg_PDB_ins_code 
_struct_sheet_range.end_label_comp_id 
_struct_sheet_range.end_label_asym_id 
_struct_sheet_range.end_label_seq_id 
_struct_sheet_range.pdbx_end_PDB_ins_code 
_struct_sheet_range.beg_auth_comp_id 
_struct_sheet_range.beg_auth_asym_id 
_struct_sheet_range.beg_auth_seq_id 
_struct_sheet_range.end_auth_comp_id 
_struct_sheet_range.end_auth_asym_id 
_struct_sheet_range.end_auth_seq_id 
A 1 THR A 37 ? PRO A 40 ? THR A 60 PRO A 63 
A 2 LYS A 21 ? TRP A 28 ? LYS A 44 TRP A 51 
A 3 GLU A 6  ? VAL A 18 ? GLU A 29 VAL A 41 
A 4 LYS B 6  ? ARG B 8  ? LYS T 23 ARG T 25 
A 5 LEU A 44 ? ASP A 45 ? LEU A 67 ASP A 68 
# 
loop_
_pdbx_struct_sheet_hbond.sheet_id 
_pdbx_struct_sheet_hbond.range_id_1 
_pdbx_struct_sheet_hbond.range_id_2 
_pdbx_struct_sheet_hbond.range_1_label_atom_id 
_pdbx_struct_sheet_hbond.range_1_label_comp_id 
_pdbx_struct_sheet_hbond.range_1_label_asym_id 
_pdbx_struct_sheet_hbond.range_1_label_seq_id 
_pdbx_struct_sheet_hbond.range_1_PDB_ins_code 
_pdbx_struct_sheet_hbond.range_1_auth_atom_id 
_pdbx_struct_sheet_hbond.range_1_auth_comp_id 
_pdbx_struct_sheet_hbond.range_1_auth_asym_id 
_pdbx_struct_sheet_hbond.range_1_auth_seq_id 
_pdbx_struct_sheet_hbond.range_2_label_atom_id 
_pdbx_struct_sheet_hbond.range_2_label_comp_id 
_pdbx_struct_sheet_hbond.range_2_label_asym_id 
_pdbx_struct_sheet_hbond.range_2_label_seq_id 
_pdbx_struct_sheet_hbond.range_2_PDB_ins_code 
_pdbx_struct_sheet_hbond.range_2_auth_atom_id 
_pdbx_struct_sheet_hbond.range_2_auth_comp_id 
_pdbx_struct_sheet_hbond.range_2_auth_asym_id 
_pdbx_struct_sheet_hbond.range_2_auth_seq_id 
A 1 2 O THR A 37 ? O THR A 60 N LEU A 26 ? N LEU A 49 
A 2 3 O PHE A 25 ? O PHE A 48 N LEU A 13 ? N LEU A 36 
A 3 4 N PHE A 7  ? N PHE A 30 O ALA B 7  ? O ALA T 24 
A 4 5 O LYS B 6  ? O LYS T 23 N ASP A 45 ? N ASP A 68 
# 
_pdbx_entry_details.entry_id                   3TZD 
_pdbx_entry_details.compound_details           ? 
_pdbx_entry_details.source_details             ? 
_pdbx_entry_details.nonpolymer_details         ? 
_pdbx_entry_details.sequence_details           ? 
_pdbx_entry_details.has_ligand_of_interest     ? 
_pdbx_entry_details.has_protein_modification   Y 
# 
loop_
_pdbx_validate_rmsd_bond.id 
_pdbx_validate_rmsd_bond.PDB_model_num 
_pdbx_validate_rmsd_bond.auth_atom_id_1 
_pdbx_validate_rmsd_bond.auth_asym_id_1 
_pdbx_validate_rmsd_bond.auth_comp_id_1 
_pdbx_validate_rmsd_bond.auth_seq_id_1 
_pdbx_validate_rmsd_bond.PDB_ins_code_1 
_pdbx_validate_rmsd_bond.label_alt_id_1 
_pdbx_validate_rmsd_bond.auth_atom_id_2 
_pdbx_validate_rmsd_bond.auth_asym_id_2 
_pdbx_validate_rmsd_bond.auth_comp_id_2 
_pdbx_validate_rmsd_bond.auth_seq_id_2 
_pdbx_validate_rmsd_bond.PDB_ins_code_2 
_pdbx_validate_rmsd_bond.label_alt_id_2 
_pdbx_validate_rmsd_bond.bond_value 
_pdbx_validate_rmsd_bond.bond_target_value 
_pdbx_validate_rmsd_bond.bond_deviation 
_pdbx_validate_rmsd_bond.bond_standard_deviation 
_pdbx_validate_rmsd_bond.linker_flag 
1 1 CG A GLU 65 ? ? CD  A GLU 65 ? ? 1.608 1.515 0.093 0.015 N 
2 1 CD A GLU 65 ? ? OE1 A GLU 65 ? ? 1.327 1.252 0.075 0.011 N 
3 1 C  T ARG 25 ? ? N   T MLY 26 ? ? 1.479 1.336 0.143 0.023 Y 
# 
_pdbx_validate_main_chain_plane.id                       1 
_pdbx_validate_main_chain_plane.PDB_model_num            1 
_pdbx_validate_main_chain_plane.auth_comp_id             ARG 
_pdbx_validate_main_chain_plane.auth_asym_id             T 
_pdbx_validate_main_chain_plane.auth_seq_id              25 
_pdbx_validate_main_chain_plane.PDB_ins_code             ? 
_pdbx_validate_main_chain_plane.label_alt_id             ? 
_pdbx_validate_main_chain_plane.improper_torsion_angle   12.21 
# 
_pdbx_SG_project.id                    1 
_pdbx_SG_project.project_name          ? 
_pdbx_SG_project.full_name_of_center   'Structural Genomics Consortium' 
_pdbx_SG_project.initial_of_center     SGC 
# 
_pdbx_struct_mod_residue.id               1 
_pdbx_struct_mod_residue.label_asym_id    B 
_pdbx_struct_mod_residue.label_comp_id    MLY 
_pdbx_struct_mod_residue.label_seq_id     9 
_pdbx_struct_mod_residue.auth_asym_id     T 
_pdbx_struct_mod_residue.auth_comp_id     MLY 
_pdbx_struct_mod_residue.auth_seq_id      26 
_pdbx_struct_mod_residue.PDB_ins_code     ? 
_pdbx_struct_mod_residue.parent_comp_id   LYS 
_pdbx_struct_mod_residue.details          N-DIMETHYL-LYSINE 
# 
loop_
_pdbx_unobs_or_zero_occ_residues.id 
_pdbx_unobs_or_zero_occ_residues.PDB_model_num 
_pdbx_unobs_or_zero_occ_residues.polymer_flag 
_pdbx_unobs_or_zero_occ_residues.occupancy_flag 
_pdbx_unobs_or_zero_occ_residues.auth_asym_id 
_pdbx_unobs_or_zero_occ_residues.auth_comp_id 
_pdbx_unobs_or_zero_occ_residues.auth_seq_id 
_pdbx_unobs_or_zero_occ_residues.PDB_ins_code 
_pdbx_unobs_or_zero_occ_residues.label_asym_id 
_pdbx_unobs_or_zero_occ_residues.label_comp_id 
_pdbx_unobs_or_zero_occ_residues.label_seq_id 
1 1 Y 1 T ALA 30 ? B ALA 13 
2 1 Y 1 T ALA 31 ? B ALA 14 
3 1 Y 1 T LYS 32 ? B LYS 15 
4 1 Y 1 T ARG 33 ? B ARG 16 
5 1 Y 1 T LYS 34 ? B LYS 17 
6 1 Y 1 T ALA 35 ? B ALA 18 
7 1 Y 1 T SER 36 ? B SER 19 
# 
loop_
_chem_comp_atom.comp_id 
_chem_comp_atom.atom_id 
_chem_comp_atom.type_symbol 
_chem_comp_atom.pdbx_aromatic_flag 
_chem_comp_atom.pdbx_stereo_config 
_chem_comp_atom.pdbx_ordinal 
ALA N    N N N 1   
ALA CA   C N S 2   
ALA C    C N N 3   
ALA O    O N N 4   
ALA CB   C N N 5   
ALA OXT  O N N 6   
ALA H    H N N 7   
ALA H2   H N N 8   
ALA HA   H N N 9   
ALA HB1  H N N 10  
ALA HB2  H N N 11  
ALA HB3  H N N 12  
ALA HXT  H N N 13  
ARG N    N N N 14  
ARG CA   C N S 15  
ARG C    C N N 16  
ARG O    O N N 17  
ARG CB   C N N 18  
ARG CG   C N N 19  
ARG CD   C N N 20  
ARG NE   N N N 21  
ARG CZ   C N N 22  
ARG NH1  N N N 23  
ARG NH2  N N N 24  
ARG OXT  O N N 25  
ARG H    H N N 26  
ARG H2   H N N 27  
ARG HA   H N N 28  
ARG HB2  H N N 29  
ARG HB3  H N N 30  
ARG HG2  H N N 31  
ARG HG3  H N N 32  
ARG HD2  H N N 33  
ARG HD3  H N N 34  
ARG HE   H N N 35  
ARG HH11 H N N 36  
ARG HH12 H N N 37  
ARG HH21 H N N 38  
ARG HH22 H N N 39  
ARG HXT  H N N 40  
ASN N    N N N 41  
ASN CA   C N S 42  
ASN C    C N N 43  
ASN O    O N N 44  
ASN CB   C N N 45  
ASN CG   C N N 46  
ASN OD1  O N N 47  
ASN ND2  N N N 48  
ASN OXT  O N N 49  
ASN H    H N N 50  
ASN H2   H N N 51  
ASN HA   H N N 52  
ASN HB2  H N N 53  
ASN HB3  H N N 54  
ASN HD21 H N N 55  
ASN HD22 H N N 56  
ASN HXT  H N N 57  
ASP N    N N N 58  
ASP CA   C N S 59  
ASP C    C N N 60  
ASP O    O N N 61  
ASP CB   C N N 62  
ASP CG   C N N 63  
ASP OD1  O N N 64  
ASP OD2  O N N 65  
ASP OXT  O N N 66  
ASP H    H N N 67  
ASP H2   H N N 68  
ASP HA   H N N 69  
ASP HB2  H N N 70  
ASP HB3  H N N 71  
ASP HD2  H N N 72  
ASP HXT  H N N 73  
CYS N    N N N 74  
CYS CA   C N R 75  
CYS C    C N N 76  
CYS O    O N N 77  
CYS CB   C N N 78  
CYS SG   S N N 79  
CYS OXT  O N N 80  
CYS H    H N N 81  
CYS H2   H N N 82  
CYS HA   H N N 83  
CYS HB2  H N N 84  
CYS HB3  H N N 85  
CYS HG   H N N 86  
CYS HXT  H N N 87  
GLN N    N N N 88  
GLN CA   C N S 89  
GLN C    C N N 90  
GLN O    O N N 91  
GLN CB   C N N 92  
GLN CG   C N N 93  
GLN CD   C N N 94  
GLN OE1  O N N 95  
GLN NE2  N N N 96  
GLN OXT  O N N 97  
GLN H    H N N 98  
GLN H2   H N N 99  
GLN HA   H N N 100 
GLN HB2  H N N 101 
GLN HB3  H N N 102 
GLN HG2  H N N 103 
GLN HG3  H N N 104 
GLN HE21 H N N 105 
GLN HE22 H N N 106 
GLN HXT  H N N 107 
GLU N    N N N 108 
GLU CA   C N S 109 
GLU C    C N N 110 
GLU O    O N N 111 
GLU CB   C N N 112 
GLU CG   C N N 113 
GLU CD   C N N 114 
GLU OE1  O N N 115 
GLU OE2  O N N 116 
GLU OXT  O N N 117 
GLU H    H N N 118 
GLU H2   H N N 119 
GLU HA   H N N 120 
GLU HB2  H N N 121 
GLU HB3  H N N 122 
GLU HG2  H N N 123 
GLU HG3  H N N 124 
GLU HE2  H N N 125 
GLU HXT  H N N 126 
GLY N    N N N 127 
GLY CA   C N N 128 
GLY C    C N N 129 
GLY O    O N N 130 
GLY OXT  O N N 131 
GLY H    H N N 132 
GLY H2   H N N 133 
GLY HA2  H N N 134 
GLY HA3  H N N 135 
GLY HXT  H N N 136 
HOH O    O N N 137 
HOH H1   H N N 138 
HOH H2   H N N 139 
ILE N    N N N 140 
ILE CA   C N S 141 
ILE C    C N N 142 
ILE O    O N N 143 
ILE CB   C N S 144 
ILE CG1  C N N 145 
ILE CG2  C N N 146 
ILE CD1  C N N 147 
ILE OXT  O N N 148 
ILE H    H N N 149 
ILE H2   H N N 150 
ILE HA   H N N 151 
ILE HB   H N N 152 
ILE HG12 H N N 153 
ILE HG13 H N N 154 
ILE HG21 H N N 155 
ILE HG22 H N N 156 
ILE HG23 H N N 157 
ILE HD11 H N N 158 
ILE HD12 H N N 159 
ILE HD13 H N N 160 
ILE HXT  H N N 161 
LEU N    N N N 162 
LEU CA   C N S 163 
LEU C    C N N 164 
LEU O    O N N 165 
LEU CB   C N N 166 
LEU CG   C N N 167 
LEU CD1  C N N 168 
LEU CD2  C N N 169 
LEU OXT  O N N 170 
LEU H    H N N 171 
LEU H2   H N N 172 
LEU HA   H N N 173 
LEU HB2  H N N 174 
LEU HB3  H N N 175 
LEU HG   H N N 176 
LEU HD11 H N N 177 
LEU HD12 H N N 178 
LEU HD13 H N N 179 
LEU HD21 H N N 180 
LEU HD22 H N N 181 
LEU HD23 H N N 182 
LEU HXT  H N N 183 
LYS N    N N N 184 
LYS CA   C N S 185 
LYS C    C N N 186 
LYS O    O N N 187 
LYS CB   C N N 188 
LYS CG   C N N 189 
LYS CD   C N N 190 
LYS CE   C N N 191 
LYS NZ   N N N 192 
LYS OXT  O N N 193 
LYS H    H N N 194 
LYS H2   H N N 195 
LYS HA   H N N 196 
LYS HB2  H N N 197 
LYS HB3  H N N 198 
LYS HG2  H N N 199 
LYS HG3  H N N 200 
LYS HD2  H N N 201 
LYS HD3  H N N 202 
LYS HE2  H N N 203 
LYS HE3  H N N 204 
LYS HZ1  H N N 205 
LYS HZ2  H N N 206 
LYS HZ3  H N N 207 
LYS HXT  H N N 208 
MLY N    N N N 209 
MLY CA   C N S 210 
MLY CB   C N N 211 
MLY CG   C N N 212 
MLY CD   C N N 213 
MLY CE   C N N 214 
MLY NZ   N N N 215 
MLY CH1  C N N 216 
MLY CH2  C N N 217 
MLY C    C N N 218 
MLY O    O N N 219 
MLY OXT  O N N 220 
MLY H    H N N 221 
MLY H2   H N N 222 
MLY HA   H N N 223 
MLY HB2  H N N 224 
MLY HB3  H N N 225 
MLY HG2  H N N 226 
MLY HG3  H N N 227 
MLY HD2  H N N 228 
MLY HD3  H N N 229 
MLY HE2  H N N 230 
MLY HE3  H N N 231 
MLY HH11 H N N 232 
MLY HH12 H N N 233 
MLY HH13 H N N 234 
MLY HH21 H N N 235 
MLY HH22 H N N 236 
MLY HH23 H N N 237 
MLY HXT  H N N 238 
PHE N    N N N 239 
PHE CA   C N S 240 
PHE C    C N N 241 
PHE O    O N N 242 
PHE CB   C N N 243 
PHE CG   C Y N 244 
PHE CD1  C Y N 245 
PHE CD2  C Y N 246 
PHE CE1  C Y N 247 
PHE CE2  C Y N 248 
PHE CZ   C Y N 249 
PHE OXT  O N N 250 
PHE H    H N N 251 
PHE H2   H N N 252 
PHE HA   H N N 253 
PHE HB2  H N N 254 
PHE HB3  H N N 255 
PHE HD1  H N N 256 
PHE HD2  H N N 257 
PHE HE1  H N N 258 
PHE HE2  H N N 259 
PHE HZ   H N N 260 
PHE HXT  H N N 261 
PRO N    N N N 262 
PRO CA   C N S 263 
PRO C    C N N 264 
PRO O    O N N 265 
PRO CB   C N N 266 
PRO CG   C N N 267 
PRO CD   C N N 268 
PRO OXT  O N N 269 
PRO H    H N N 270 
PRO HA   H N N 271 
PRO HB2  H N N 272 
PRO HB3  H N N 273 
PRO HG2  H N N 274 
PRO HG3  H N N 275 
PRO HD2  H N N 276 
PRO HD3  H N N 277 
PRO HXT  H N N 278 
SER N    N N N 279 
SER CA   C N S 280 
SER C    C N N 281 
SER O    O N N 282 
SER CB   C N N 283 
SER OG   O N N 284 
SER OXT  O N N 285 
SER H    H N N 286 
SER H2   H N N 287 
SER HA   H N N 288 
SER HB2  H N N 289 
SER HB3  H N N 290 
SER HG   H N N 291 
SER HXT  H N N 292 
THR N    N N N 293 
THR CA   C N S 294 
THR C    C N N 295 
THR O    O N N 296 
THR CB   C N R 297 
THR OG1  O N N 298 
THR CG2  C N N 299 
THR OXT  O N N 300 
THR H    H N N 301 
THR H2   H N N 302 
THR HA   H N N 303 
THR HB   H N N 304 
THR HG1  H N N 305 
THR HG21 H N N 306 
THR HG22 H N N 307 
THR HG23 H N N 308 
THR HXT  H N N 309 
TRP N    N N N 310 
TRP CA   C N S 311 
TRP C    C N N 312 
TRP O    O N N 313 
TRP CB   C N N 314 
TRP CG   C Y N 315 
TRP CD1  C Y N 316 
TRP CD2  C Y N 317 
TRP NE1  N Y N 318 
TRP CE2  C Y N 319 
TRP CE3  C Y N 320 
TRP CZ2  C Y N 321 
TRP CZ3  C Y N 322 
TRP CH2  C Y N 323 
TRP OXT  O N N 324 
TRP H    H N N 325 
TRP H2   H N N 326 
TRP HA   H N N 327 
TRP HB2  H N N 328 
TRP HB3  H N N 329 
TRP HD1  H N N 330 
TRP HE1  H N N 331 
TRP HE3  H N N 332 
TRP HZ2  H N N 333 
TRP HZ3  H N N 334 
TRP HH2  H N N 335 
TRP HXT  H N N 336 
TYR N    N N N 337 
TYR CA   C N S 338 
TYR C    C N N 339 
TYR O    O N N 340 
TYR CB   C N N 341 
TYR CG   C Y N 342 
TYR CD1  C Y N 343 
TYR CD2  C Y N 344 
TYR CE1  C Y N 345 
TYR CE2  C Y N 346 
TYR CZ   C Y N 347 
TYR OH   O N N 348 
TYR OXT  O N N 349 
TYR H    H N N 350 
TYR H2   H N N 351 
TYR HA   H N N 352 
TYR HB2  H N N 353 
TYR HB3  H N N 354 
TYR HD1  H N N 355 
TYR HD2  H N N 356 
TYR HE1  H N N 357 
TYR HE2  H N N 358 
TYR HH   H N N 359 
TYR HXT  H N N 360 
VAL N    N N N 361 
VAL CA   C N S 362 
VAL C    C N N 363 
VAL O    O N N 364 
VAL CB   C N N 365 
VAL CG1  C N N 366 
VAL CG2  C N N 367 
VAL OXT  O N N 368 
VAL H    H N N 369 
VAL H2   H N N 370 
VAL HA   H N N 371 
VAL HB   H N N 372 
VAL HG11 H N N 373 
VAL HG12 H N N 374 
VAL HG13 H N N 375 
VAL HG21 H N N 376 
VAL HG22 H N N 377 
VAL HG23 H N N 378 
VAL HXT  H N N 379 
# 
loop_
_chem_comp_bond.comp_id 
_chem_comp_bond.atom_id_1 
_chem_comp_bond.atom_id_2 
_chem_comp_bond.value_order 
_chem_comp_bond.pdbx_aromatic_flag 
_chem_comp_bond.pdbx_stereo_config 
_chem_comp_bond.pdbx_ordinal 
ALA N   CA   sing N N 1   
ALA N   H    sing N N 2   
ALA N   H2   sing N N 3   
ALA CA  C    sing N N 4   
ALA CA  CB   sing N N 5   
ALA CA  HA   sing N N 6   
ALA C   O    doub N N 7   
ALA C   OXT  sing N N 8   
ALA CB  HB1  sing N N 9   
ALA CB  HB2  sing N N 10  
ALA CB  HB3  sing N N 11  
ALA OXT HXT  sing N N 12  
ARG N   CA   sing N N 13  
ARG N   H    sing N N 14  
ARG N   H2   sing N N 15  
ARG CA  C    sing N N 16  
ARG CA  CB   sing N N 17  
ARG CA  HA   sing N N 18  
ARG C   O    doub N N 19  
ARG C   OXT  sing N N 20  
ARG CB  CG   sing N N 21  
ARG CB  HB2  sing N N 22  
ARG CB  HB3  sing N N 23  
ARG CG  CD   sing N N 24  
ARG CG  HG2  sing N N 25  
ARG CG  HG3  sing N N 26  
ARG CD  NE   sing N N 27  
ARG CD  HD2  sing N N 28  
ARG CD  HD3  sing N N 29  
ARG NE  CZ   sing N N 30  
ARG NE  HE   sing N N 31  
ARG CZ  NH1  sing N N 32  
ARG CZ  NH2  doub N N 33  
ARG NH1 HH11 sing N N 34  
ARG NH1 HH12 sing N N 35  
ARG NH2 HH21 sing N N 36  
ARG NH2 HH22 sing N N 37  
ARG OXT HXT  sing N N 38  
ASN N   CA   sing N N 39  
ASN N   H    sing N N 40  
ASN N   H2   sing N N 41  
ASN CA  C    sing N N 42  
ASN CA  CB   sing N N 43  
ASN CA  HA   sing N N 44  
ASN C   O    doub N N 45  
ASN C   OXT  sing N N 46  
ASN CB  CG   sing N N 47  
ASN CB  HB2  sing N N 48  
ASN CB  HB3  sing N N 49  
ASN CG  OD1  doub N N 50  
ASN CG  ND2  sing N N 51  
ASN ND2 HD21 sing N N 52  
ASN ND2 HD22 sing N N 53  
ASN OXT HXT  sing N N 54  
ASP N   CA   sing N N 55  
ASP N   H    sing N N 56  
ASP N   H2   sing N N 57  
ASP CA  C    sing N N 58  
ASP CA  CB   sing N N 59  
ASP CA  HA   sing N N 60  
ASP C   O    doub N N 61  
ASP C   OXT  sing N N 62  
ASP CB  CG   sing N N 63  
ASP CB  HB2  sing N N 64  
ASP CB  HB3  sing N N 65  
ASP CG  OD1  doub N N 66  
ASP CG  OD2  sing N N 67  
ASP OD2 HD2  sing N N 68  
ASP OXT HXT  sing N N 69  
CYS N   CA   sing N N 70  
CYS N   H    sing N N 71  
CYS N   H2   sing N N 72  
CYS CA  C    sing N N 73  
CYS CA  CB   sing N N 74  
CYS CA  HA   sing N N 75  
CYS C   O    doub N N 76  
CYS C   OXT  sing N N 77  
CYS CB  SG   sing N N 78  
CYS CB  HB2  sing N N 79  
CYS CB  HB3  sing N N 80  
CYS SG  HG   sing N N 81  
CYS OXT HXT  sing N N 82  
GLN N   CA   sing N N 83  
GLN N   H    sing N N 84  
GLN N   H2   sing N N 85  
GLN CA  C    sing N N 86  
GLN CA  CB   sing N N 87  
GLN CA  HA   sing N N 88  
GLN C   O    doub N N 89  
GLN C   OXT  sing N N 90  
GLN CB  CG   sing N N 91  
GLN CB  HB2  sing N N 92  
GLN CB  HB3  sing N N 93  
GLN CG  CD   sing N N 94  
GLN CG  HG2  sing N N 95  
GLN CG  HG3  sing N N 96  
GLN CD  OE1  doub N N 97  
GLN CD  NE2  sing N N 98  
GLN NE2 HE21 sing N N 99  
GLN NE2 HE22 sing N N 100 
GLN OXT HXT  sing N N 101 
GLU N   CA   sing N N 102 
GLU N   H    sing N N 103 
GLU N   H2   sing N N 104 
GLU CA  C    sing N N 105 
GLU CA  CB   sing N N 106 
GLU CA  HA   sing N N 107 
GLU C   O    doub N N 108 
GLU C   OXT  sing N N 109 
GLU CB  CG   sing N N 110 
GLU CB  HB2  sing N N 111 
GLU CB  HB3  sing N N 112 
GLU CG  CD   sing N N 113 
GLU CG  HG2  sing N N 114 
GLU CG  HG3  sing N N 115 
GLU CD  OE1  doub N N 116 
GLU CD  OE2  sing N N 117 
GLU OE2 HE2  sing N N 118 
GLU OXT HXT  sing N N 119 
GLY N   CA   sing N N 120 
GLY N   H    sing N N 121 
GLY N   H2   sing N N 122 
GLY CA  C    sing N N 123 
GLY CA  HA2  sing N N 124 
GLY CA  HA3  sing N N 125 
GLY C   O    doub N N 126 
GLY C   OXT  sing N N 127 
GLY OXT HXT  sing N N 128 
HOH O   H1   sing N N 129 
HOH O   H2   sing N N 130 
ILE N   CA   sing N N 131 
ILE N   H    sing N N 132 
ILE N   H2   sing N N 133 
ILE CA  C    sing N N 134 
ILE CA  CB   sing N N 135 
ILE CA  HA   sing N N 136 
ILE C   O    doub N N 137 
ILE C   OXT  sing N N 138 
ILE CB  CG1  sing N N 139 
ILE CB  CG2  sing N N 140 
ILE CB  HB   sing N N 141 
ILE CG1 CD1  sing N N 142 
ILE CG1 HG12 sing N N 143 
ILE CG1 HG13 sing N N 144 
ILE CG2 HG21 sing N N 145 
ILE CG2 HG22 sing N N 146 
ILE CG2 HG23 sing N N 147 
ILE CD1 HD11 sing N N 148 
ILE CD1 HD12 sing N N 149 
ILE CD1 HD13 sing N N 150 
ILE OXT HXT  sing N N 151 
LEU N   CA   sing N N 152 
LEU N   H    sing N N 153 
LEU N   H2   sing N N 154 
LEU CA  C    sing N N 155 
LEU CA  CB   sing N N 156 
LEU CA  HA   sing N N 157 
LEU C   O    doub N N 158 
LEU C   OXT  sing N N 159 
LEU CB  CG   sing N N 160 
LEU CB  HB2  sing N N 161 
LEU CB  HB3  sing N N 162 
LEU CG  CD1  sing N N 163 
LEU CG  CD2  sing N N 164 
LEU CG  HG   sing N N 165 
LEU CD1 HD11 sing N N 166 
LEU CD1 HD12 sing N N 167 
LEU CD1 HD13 sing N N 168 
LEU CD2 HD21 sing N N 169 
LEU CD2 HD22 sing N N 170 
LEU CD2 HD23 sing N N 171 
LEU OXT HXT  sing N N 172 
LYS N   CA   sing N N 173 
LYS N   H    sing N N 174 
LYS N   H2   sing N N 175 
LYS CA  C    sing N N 176 
LYS CA  CB   sing N N 177 
LYS CA  HA   sing N N 178 
LYS C   O    doub N N 179 
LYS C   OXT  sing N N 180 
LYS CB  CG   sing N N 181 
LYS CB  HB2  sing N N 182 
LYS CB  HB3  sing N N 183 
LYS CG  CD   sing N N 184 
LYS CG  HG2  sing N N 185 
LYS CG  HG3  sing N N 186 
LYS CD  CE   sing N N 187 
LYS CD  HD2  sing N N 188 
LYS CD  HD3  sing N N 189 
LYS CE  NZ   sing N N 190 
LYS CE  HE2  sing N N 191 
LYS CE  HE3  sing N N 192 
LYS NZ  HZ1  sing N N 193 
LYS NZ  HZ2  sing N N 194 
LYS NZ  HZ3  sing N N 195 
LYS OXT HXT  sing N N 196 
MLY N   CA   sing N N 197 
MLY N   H    sing N N 198 
MLY N   H2   sing N N 199 
MLY CA  CB   sing N N 200 
MLY CA  C    sing N N 201 
MLY CA  HA   sing N N 202 
MLY CB  CG   sing N N 203 
MLY CB  HB2  sing N N 204 
MLY CB  HB3  sing N N 205 
MLY CG  CD   sing N N 206 
MLY CG  HG2  sing N N 207 
MLY CG  HG3  sing N N 208 
MLY CD  CE   sing N N 209 
MLY CD  HD2  sing N N 210 
MLY CD  HD3  sing N N 211 
MLY CE  NZ   sing N N 212 
MLY CE  HE2  sing N N 213 
MLY CE  HE3  sing N N 214 
MLY NZ  CH1  sing N N 215 
MLY NZ  CH2  sing N N 216 
MLY CH1 HH11 sing N N 217 
MLY CH1 HH12 sing N N 218 
MLY CH1 HH13 sing N N 219 
MLY CH2 HH21 sing N N 220 
MLY CH2 HH22 sing N N 221 
MLY CH2 HH23 sing N N 222 
MLY C   O    doub N N 223 
MLY C   OXT  sing N N 224 
MLY OXT HXT  sing N N 225 
PHE N   CA   sing N N 226 
PHE N   H    sing N N 227 
PHE N   H2   sing N N 228 
PHE CA  C    sing N N 229 
PHE CA  CB   sing N N 230 
PHE CA  HA   sing N N 231 
PHE C   O    doub N N 232 
PHE C   OXT  sing N N 233 
PHE CB  CG   sing N N 234 
PHE CB  HB2  sing N N 235 
PHE CB  HB3  sing N N 236 
PHE CG  CD1  doub Y N 237 
PHE CG  CD2  sing Y N 238 
PHE CD1 CE1  sing Y N 239 
PHE CD1 HD1  sing N N 240 
PHE CD2 CE2  doub Y N 241 
PHE CD2 HD2  sing N N 242 
PHE CE1 CZ   doub Y N 243 
PHE CE1 HE1  sing N N 244 
PHE CE2 CZ   sing Y N 245 
PHE CE2 HE2  sing N N 246 
PHE CZ  HZ   sing N N 247 
PHE OXT HXT  sing N N 248 
PRO N   CA   sing N N 249 
PRO N   CD   sing N N 250 
PRO N   H    sing N N 251 
PRO CA  C    sing N N 252 
PRO CA  CB   sing N N 253 
PRO CA  HA   sing N N 254 
PRO C   O    doub N N 255 
PRO C   OXT  sing N N 256 
PRO CB  CG   sing N N 257 
PRO CB  HB2  sing N N 258 
PRO CB  HB3  sing N N 259 
PRO CG  CD   sing N N 260 
PRO CG  HG2  sing N N 261 
PRO CG  HG3  sing N N 262 
PRO CD  HD2  sing N N 263 
PRO CD  HD3  sing N N 264 
PRO OXT HXT  sing N N 265 
SER N   CA   sing N N 266 
SER N   H    sing N N 267 
SER N   H2   sing N N 268 
SER CA  C    sing N N 269 
SER CA  CB   sing N N 270 
SER CA  HA   sing N N 271 
SER C   O    doub N N 272 
SER C   OXT  sing N N 273 
SER CB  OG   sing N N 274 
SER CB  HB2  sing N N 275 
SER CB  HB3  sing N N 276 
SER OG  HG   sing N N 277 
SER OXT HXT  sing N N 278 
THR N   CA   sing N N 279 
THR N   H    sing N N 280 
THR N   H2   sing N N 281 
THR CA  C    sing N N 282 
THR CA  CB   sing N N 283 
THR CA  HA   sing N N 284 
THR C   O    doub N N 285 
THR C   OXT  sing N N 286 
THR CB  OG1  sing N N 287 
THR CB  CG2  sing N N 288 
THR CB  HB   sing N N 289 
THR OG1 HG1  sing N N 290 
THR CG2 HG21 sing N N 291 
THR CG2 HG22 sing N N 292 
THR CG2 HG23 sing N N 293 
THR OXT HXT  sing N N 294 
TRP N   CA   sing N N 295 
TRP N   H    sing N N 296 
TRP N   H2   sing N N 297 
TRP CA  C    sing N N 298 
TRP CA  CB   sing N N 299 
TRP CA  HA   sing N N 300 
TRP C   O    doub N N 301 
TRP C   OXT  sing N N 302 
TRP CB  CG   sing N N 303 
TRP CB  HB2  sing N N 304 
TRP CB  HB3  sing N N 305 
TRP CG  CD1  doub Y N 306 
TRP CG  CD2  sing Y N 307 
TRP CD1 NE1  sing Y N 308 
TRP CD1 HD1  sing N N 309 
TRP CD2 CE2  doub Y N 310 
TRP CD2 CE3  sing Y N 311 
TRP NE1 CE2  sing Y N 312 
TRP NE1 HE1  sing N N 313 
TRP CE2 CZ2  sing Y N 314 
TRP CE3 CZ3  doub Y N 315 
TRP CE3 HE3  sing N N 316 
TRP CZ2 CH2  doub Y N 317 
TRP CZ2 HZ2  sing N N 318 
TRP CZ3 CH2  sing Y N 319 
TRP CZ3 HZ3  sing N N 320 
TRP CH2 HH2  sing N N 321 
TRP OXT HXT  sing N N 322 
TYR N   CA   sing N N 323 
TYR N   H    sing N N 324 
TYR N   H2   sing N N 325 
TYR CA  C    sing N N 326 
TYR CA  CB   sing N N 327 
TYR CA  HA   sing N N 328 
TYR C   O    doub N N 329 
TYR C   OXT  sing N N 330 
TYR CB  CG   sing N N 331 
TYR CB  HB2  sing N N 332 
TYR CB  HB3  sing N N 333 
TYR CG  CD1  doub Y N 334 
TYR CG  CD2  sing Y N 335 
TYR CD1 CE1  sing Y N 336 
TYR CD1 HD1  sing N N 337 
TYR CD2 CE2  doub Y N 338 
TYR CD2 HD2  sing N N 339 
TYR CE1 CZ   doub Y N 340 
TYR CE1 HE1  sing N N 341 
TYR CE2 CZ   sing Y N 342 
TYR CE2 HE2  sing N N 343 
TYR CZ  OH   sing N N 344 
TYR OH  HH   sing N N 345 
TYR OXT HXT  sing N N 346 
VAL N   CA   sing N N 347 
VAL N   H    sing N N 348 
VAL N   H2   sing N N 349 
VAL CA  C    sing N N 350 
VAL CA  CB   sing N N 351 
VAL CA  HA   sing N N 352 
VAL C   O    doub N N 353 
VAL C   OXT  sing N N 354 
VAL CB  CG1  sing N N 355 
VAL CB  CG2  sing N N 356 
VAL CB  HB   sing N N 357 
VAL CG1 HG11 sing N N 358 
VAL CG1 HG12 sing N N 359 
VAL CG1 HG13 sing N N 360 
VAL CG2 HG21 sing N N 361 
VAL CG2 HG22 sing N N 362 
VAL CG2 HG23 sing N N 363 
VAL OXT HXT  sing N N 364 
# 
_atom_sites.entry_id                    3TZD 
_atom_sites.fract_transf_matrix[1][1]   -0.00196955 
_atom_sites.fract_transf_matrix[1][2]   -0.00846038 
_atom_sites.fract_transf_matrix[1][3]   -0.00649283 
_atom_sites.fract_transf_matrix[2][1]   0.00257306 
_atom_sites.fract_transf_matrix[2][2]   0.00603060 
_atom_sites.fract_transf_matrix[2][3]   -0.00863859 
_atom_sites.fract_transf_matrix[3][1]   0.01034960 
_atom_sites.fract_transf_matrix[3][2]   -0.00310932 
_atom_sites.fract_transf_matrix[3][3]   0.00091208 
_atom_sites.fract_transf_vector[1]      0.389021 
_atom_sites.fract_transf_vector[2]      0.314335 
_atom_sites.fract_transf_vector[3]      -0.041241 
# 
loop_
_atom_type.symbol 
C 
N 
O 
S 
# 
loop_
_atom_site.group_PDB 
_atom_site.id 
_atom_site.type_symbol 
_atom_site.label_atom_id 
_atom_site.label_alt_id 
_atom_site.label_comp_id 
_atom_site.label_asym_id 
_atom_site.label_entity_id 
_atom_site.label_seq_id 
_atom_site.pdbx_PDB_ins_code 
_atom_site.Cartn_x 
_atom_site.Cartn_y 
_atom_site.Cartn_z 
_atom_site.occupancy 
_atom_site.B_iso_or_equiv 
_atom_site.pdbx_formal_charge 
_atom_site.auth_seq_id 
_atom_site.auth_comp_id 
_atom_site.auth_asym_id 
_atom_site.auth_atom_id 
_atom_site.pdbx_PDB_model_num 
ATOM   1   N N   . LEU A 1 1  ? 14.870  5.926   10.201  1.00 30.09 ? 24  LEU A N   1 
ATOM   2   C CA  . LEU A 1 1  ? 14.498  7.329   9.822   1.00 29.05 ? 24  LEU A CA  1 
ATOM   3   C C   . LEU A 1 1  ? 14.133  7.428   8.338   1.00 28.87 ? 24  LEU A C   1 
ATOM   4   O O   . LEU A 1 1  ? 13.128  8.026   7.955   1.00 28.90 ? 24  LEU A O   1 
ATOM   5   C CB  . LEU A 1 1  ? 15.645  8.309   10.158  1.00 29.68 ? 24  LEU A CB  1 
ATOM   6   C CG  . LEU A 1 1  ? 15.381  9.783   9.799   1.00 30.22 ? 24  LEU A CG  1 
ATOM   7   C CD1 . LEU A 1 1  ? 14.016  10.274  10.380  1.00 28.66 ? 24  LEU A CD1 1 
ATOM   8   C CD2 . LEU A 1 1  ? 16.551  10.640  10.293  1.00 27.93 ? 24  LEU A CD2 1 
ATOM   9   N N   . TYR A 1 2  ? 14.966  6.834   7.498   1.00 29.33 ? 25  TYR A N   1 
ATOM   10  C CA  . TYR A 1 2  ? 14.751  6.884   6.056   1.00 29.03 ? 25  TYR A CA  1 
ATOM   11  C C   . TYR A 1 2  ? 13.468  6.154   5.586   1.00 28.53 ? 25  TYR A C   1 
ATOM   12  O O   . TYR A 1 2  ? 13.034  6.345   4.445   1.00 26.30 ? 25  TYR A O   1 
ATOM   13  C CB  . TYR A 1 2  ? 16.001  6.384   5.315   1.00 30.00 ? 25  TYR A CB  1 
ATOM   14  C CG  . TYR A 1 2  ? 17.185  7.364   5.356   1.00 30.33 ? 25  TYR A CG  1 
ATOM   15  C CD1 . TYR A 1 2  ? 17.025  8.679   5.790   1.00 31.78 ? 25  TYR A CD1 1 
ATOM   16  C CD2 . TYR A 1 2  ? 18.456  6.975   4.909   1.00 32.12 ? 25  TYR A CD2 1 
ATOM   17  C CE1 . TYR A 1 2  ? 18.103  9.573   5.817   1.00 29.90 ? 25  TYR A CE1 1 
ATOM   18  C CE2 . TYR A 1 2  ? 19.543  7.862   4.931   1.00 31.76 ? 25  TYR A CE2 1 
ATOM   19  C CZ  . TYR A 1 2  ? 19.359  9.166   5.384   1.00 33.03 ? 25  TYR A CZ  1 
ATOM   20  O OH  . TYR A 1 2  ? 20.445  10.054  5.400   1.00 32.19 ? 25  TYR A OH  1 
ATOM   21  N N   . PHE A 1 3  ? 12.855  5.354   6.474   1.00 27.70 ? 26  PHE A N   1 
ATOM   22  C CA  . PHE A 1 3  ? 11.580  4.679   6.105   1.00 28.28 ? 26  PHE A CA  1 
ATOM   23  C C   . PHE A 1 3  ? 10.342  5.268   6.740   1.00 28.20 ? 26  PHE A C   1 
ATOM   24  O O   . PHE A 1 3  ? 9.219   4.783   6.515   1.00 28.80 ? 26  PHE A O   1 
ATOM   25  C CB  . PHE A 1 3  ? 11.673  3.182   6.362   1.00 29.35 ? 26  PHE A CB  1 
ATOM   26  C CG  . PHE A 1 3  ? 12.724  2.527   5.550   1.00 30.17 ? 26  PHE A CG  1 
ATOM   27  C CD1 . PHE A 1 3  ? 12.475  2.199   4.211   1.00 30.80 ? 26  PHE A CD1 1 
ATOM   28  C CD2 . PHE A 1 3  ? 13.972  2.258   6.097   1.00 30.91 ? 26  PHE A CD2 1 
ATOM   29  C CE1 . PHE A 1 3  ? 13.459  1.593   3.451   1.00 32.11 ? 26  PHE A CE1 1 
ATOM   30  C CE2 . PHE A 1 3  ? 14.985  1.651   5.334   1.00 31.27 ? 26  PHE A CE2 1 
ATOM   31  C CZ  . PHE A 1 3  ? 14.724  1.324   4.017   1.00 31.75 ? 26  PHE A CZ  1 
ATOM   32  N N   . GLN A 1 4  ? 10.536  6.344   7.500   1.00 26.05 ? 27  GLN A N   1 
ATOM   33  C CA  . GLN A 1 4  ? 9.442   7.034   8.148   1.00 25.44 ? 27  GLN A CA  1 
ATOM   34  C C   . GLN A 1 4  ? 8.707   7.937   7.158   1.00 23.05 ? 27  GLN A C   1 
ATOM   35  O O   . GLN A 1 4  ? 9.183   8.139   6.028   1.00 20.38 ? 27  GLN A O   1 
ATOM   36  C CB  . GLN A 1 4  ? 9.976   7.850   9.329   1.00 25.36 ? 27  GLN A CB  1 
ATOM   37  C CG  . GLN A 1 4  ? 10.610  6.966   10.409  1.00 29.04 ? 27  GLN A CG  1 
ATOM   38  C CD  . GLN A 1 4  ? 11.106  7.741   11.622  1.00 30.89 ? 27  GLN A CD  1 
ATOM   39  O OE1 . GLN A 1 4  ? 10.730  8.901   11.842  1.00 38.67 ? 27  GLN A OE1 1 
ATOM   40  N NE2 . GLN A 1 4  ? 11.959  7.099   12.422  1.00 36.58 ? 27  GLN A NE2 1 
ATOM   41  N N   . GLY A 1 5  ? 7.537   8.418   7.595   1.00 21.80 ? 28  GLY A N   1 
ATOM   42  C CA  . GLY A 1 5  ? 6.678   9.311   6.819   1.00 20.16 ? 28  GLY A CA  1 
ATOM   43  C C   . GLY A 1 5  ? 5.965   8.511   5.744   1.00 20.30 ? 28  GLY A C   1 
ATOM   44  O O   . GLY A 1 5  ? 5.890   7.265   5.816   1.00 20.75 ? 28  GLY A O   1 
ATOM   45  N N   . GLU A 1 6  ? 5.501   9.212   4.715   1.00 18.12 ? 29  GLU A N   1 
ATOM   46  C CA  . GLU A 1 6  ? 4.690   8.578   3.689   1.00 18.37 ? 29  GLU A CA  1 
ATOM   47  C C   . GLU A 1 6  ? 5.316   8.660   2.301   1.00 15.92 ? 29  GLU A C   1 
ATOM   48  O O   . GLU A 1 6  ? 6.078   9.593   1.985   1.00 15.55 ? 29  GLU A O   1 
ATOM   49  C CB  . GLU A 1 6  ? 3.293   9.193   3.689   1.00 18.38 ? 29  GLU A CB  1 
ATOM   50  C CG  . GLU A 1 6  ? 2.465   8.831   4.989   1.00 20.96 ? 29  GLU A CG  1 
ATOM   51  C CD  . GLU A 1 6  ? 1.144   9.589   5.025   1.00 22.66 ? 29  GLU A CD  1 
ATOM   52  O OE1 . GLU A 1 6  ? 1.165   10.822  5.293   1.00 27.03 ? 29  GLU A OE1 1 
ATOM   53  O OE2 . GLU A 1 6  ? 0.095   8.968   4.755   1.00 28.21 ? 29  GLU A OE2 1 
ATOM   54  N N   . PHE A 1 7  ? 4.969   7.681   1.476   1.00 14.80 ? 30  PHE A N   1 
ATOM   55  C CA  . PHE A 1 7  ? 5.491   7.584   0.106   1.00 14.70 ? 30  PHE A CA  1 
ATOM   56  C C   . PHE A 1 7  ? 4.307   7.372   -0.825  1.00 13.95 ? 30  PHE A C   1 
ATOM   57  O O   . PHE A 1 7  ? 3.241   6.858   -0.393  1.00 13.46 ? 30  PHE A O   1 
ATOM   58  C CB  . PHE A 1 7  ? 6.427   6.398   -0.035  1.00 15.55 ? 30  PHE A CB  1 
ATOM   59  C CG  . PHE A 1 7  ? 7.653   6.512   0.779   1.00 16.32 ? 30  PHE A CG  1 
ATOM   60  C CD1 . PHE A 1 7  ? 8.771   7.161   0.265   1.00 20.22 ? 30  PHE A CD1 1 
ATOM   61  C CD2 . PHE A 1 7  ? 7.694   6.003   2.077   1.00 18.55 ? 30  PHE A CD2 1 
ATOM   62  C CE1 . PHE A 1 7  ? 9.927   7.267   1.029   1.00 16.96 ? 30  PHE A CE1 1 
ATOM   63  C CE2 . PHE A 1 7  ? 8.873   6.137   2.859   1.00 20.52 ? 30  PHE A CE2 1 
ATOM   64  C CZ  . PHE A 1 7  ? 9.965   6.749   2.314   1.00 18.73 ? 30  PHE A CZ  1 
ATOM   65  N N   . VAL A 1 8  ? 4.476   7.794   -2.081  1.00 12.93 ? 31  VAL A N   1 
ATOM   66  C CA  . VAL A 1 8  ? 3.413   7.633   -3.074  1.00 14.12 ? 31  VAL A CA  1 
ATOM   67  C C   . VAL A 1 8  ? 3.249   6.154   -3.449  1.00 13.76 ? 31  VAL A C   1 
ATOM   68  O O   . VAL A 1 8  ? 4.223   5.467   -3.768  1.00 13.80 ? 31  VAL A O   1 
ATOM   69  C CB  . VAL A 1 8  ? 3.706   8.435   -4.360  1.00 14.13 ? 31  VAL A CB  1 
ATOM   70  C CG1 . VAL A 1 8  ? 2.590   8.177   -5.431  1.00 15.03 ? 31  VAL A CG1 1 
ATOM   71  C CG2 . VAL A 1 8  ? 3.839   9.917   -3.998  1.00 14.11 ? 31  VAL A CG2 1 
ATOM   72  N N   . VAL A 1 9  ? 1.996   5.710   -3.414  1.00 13.93 ? 32  VAL A N   1 
ATOM   73  C CA  . VAL A 1 9  ? 1.623   4.355   -3.848  1.00 13.05 ? 32  VAL A CA  1 
ATOM   74  C C   . VAL A 1 9  ? 1.258   4.362   -5.327  1.00 14.10 ? 32  VAL A C   1 
ATOM   75  O O   . VAL A 1 9  ? 0.431   5.165   -5.748  1.00 13.85 ? 32  VAL A O   1 
ATOM   76  C CB  . VAL A 1 9  ? 0.438   3.833   -3.020  1.00 13.03 ? 32  VAL A CB  1 
ATOM   77  C CG1 . VAL A 1 9  ? 0.027   2.431   -3.520  1.00 13.45 ? 32  VAL A CG1 1 
ATOM   78  C CG2 . VAL A 1 9  ? 0.818   3.835   -1.498  1.00 14.42 ? 32  VAL A CG2 1 
ATOM   79  N N   . GLU A 1 10 ? 1.876   3.475   -6.106  1.00 14.25 ? 33  GLU A N   1 
ATOM   80  C CA  . GLU A 1 10 ? 1.538   3.362   -7.539  1.00 15.19 ? 33  GLU A CA  1 
ATOM   81  C C   . GLU A 1 10 ? 0.318   2.456   -7.835  1.00 15.13 ? 33  GLU A C   1 
ATOM   82  O O   . GLU A 1 10 ? -0.571  2.828   -8.628  1.00 15.03 ? 33  GLU A O   1 
ATOM   83  C CB  . GLU A 1 10 ? 2.753   2.898   -8.334  1.00 16.22 ? 33  GLU A CB  1 
ATOM   84  C CG  . GLU A 1 10 ? 2.540   2.846   -9.864  1.00 16.91 ? 33  GLU A CG  1 
ATOM   85  C CD  . GLU A 1 10 ? 3.762   2.286   -10.590 1.00 18.34 ? 33  GLU A CD  1 
ATOM   86  O OE1 . GLU A 1 10 ? 4.885   2.438   -10.080 1.00 25.88 ? 33  GLU A OE1 1 
ATOM   87  O OE2 . GLU A 1 10 ? 3.583   1.669   -11.668 1.00 23.93 ? 33  GLU A OE2 1 
ATOM   88  N N   A LYS A 1 11 ? 0.255   1.292   -7.198  0.25 14.75 ? 34  LYS A N   1 
ATOM   89  N N   B LYS A 1 11 ? 0.263   1.299   -7.184  0.25 15.07 ? 34  LYS A N   1 
ATOM   90  N N   C LYS A 1 11 ? 0.315   1.285   -7.170  0.50 16.18 ? 34  LYS A N   1 
ATOM   91  C CA  A LYS A 1 11 ? -0.909  0.431   -7.370  0.25 13.50 ? 34  LYS A CA  1 
ATOM   92  C CA  B LYS A 1 11 ? -0.861  0.395   -7.387  0.25 14.31 ? 34  LYS A CA  1 
ATOM   93  C CA  C LYS A 1 11 ? -0.618  0.177   -7.438  0.50 16.23 ? 34  LYS A CA  1 
ATOM   94  C C   A LYS A 1 11 ? -1.041  -0.523  -6.196  0.25 13.32 ? 34  LYS A C   1 
ATOM   95  C C   B LYS A 1 11 ? -1.015  -0.589  -6.236  0.25 13.73 ? 34  LYS A C   1 
ATOM   96  C C   C LYS A 1 11 ? -1.020  -0.513  -6.120  0.50 14.31 ? 34  LYS A C   1 
ATOM   97  O O   A LYS A 1 11 ? -0.085  -0.778  -5.456  0.25 13.08 ? 34  LYS A O   1 
ATOM   98  O O   B LYS A 1 11 ? -0.051  -0.917  -5.541  0.25 13.50 ? 34  LYS A O   1 
ATOM   99  O O   C LYS A 1 11 ? -0.205  -0.576  -5.187  0.50 13.98 ? 34  LYS A O   1 
ATOM   100 C CB  A LYS A 1 11 ? -0.850  -0.363  -8.691  0.25 13.37 ? 34  LYS A CB  1 
ATOM   101 C CB  B LYS A 1 11 ? -0.758  -0.351  -8.733  0.25 14.12 ? 34  LYS A CB  1 
ATOM   102 C CB  C LYS A 1 11 ? 0.045   -0.922  -8.303  0.50 15.90 ? 34  LYS A CB  1 
ATOM   103 C CG  A LYS A 1 11 ? -2.211  -0.984  -9.133  0.25 12.26 ? 34  LYS A CG  1 
ATOM   104 C CG  B LYS A 1 11 ? 0.490   -1.215  -8.943  0.25 13.80 ? 34  LYS A CG  1 
ATOM   105 C CG  C LYS A 1 11 ? 0.728   -0.480  -9.614  0.50 16.83 ? 34  LYS A CG  1 
ATOM   106 C CD  A LYS A 1 11 ? -2.067  -2.076  -10.225 0.25 11.83 ? 34  LYS A CD  1 
ATOM   107 C CD  B LYS A 1 11 ? 0.466   -1.900  -10.316 0.25 14.19 ? 34  LYS A CD  1 
ATOM   108 C CD  C LYS A 1 11 ? 1.359   -1.671  -10.335 0.50 19.02 ? 34  LYS A CD  1 
ATOM   109 C CE  A LYS A 1 11 ? -1.705  -1.522  -11.590 0.25 10.96 ? 34  LYS A CE  1 
ATOM   110 C CE  B LYS A 1 11 ? 1.865   -1.982  -10.935 0.25 13.88 ? 34  LYS A CE  1 
ATOM   111 C CE  C LYS A 1 11 ? 1.774   -1.294  -11.766 0.50 22.35 ? 34  LYS A CE  1 
ATOM   112 N NZ  A LYS A 1 11 ? -2.139  -2.395  -12.726 0.25 5.80  ? 34  LYS A NZ  1 
ATOM   113 N NZ  B LYS A 1 11 ? 2.147   -0.642  -11.620 0.25 10.76 ? 34  LYS A NZ  1 
ATOM   114 N NZ  C LYS A 1 11 ? 2.348   -2.522  -12.390 0.50 21.87 ? 34  LYS A NZ  1 
ATOM   115 N N   . VAL A 1 12 ? -2.247  -1.051  -6.066  1.00 13.54 ? 35  VAL A N   1 
ATOM   116 C CA  . VAL A 1 12 ? -2.610  -2.017  -5.006  1.00 13.27 ? 35  VAL A CA  1 
ATOM   117 C C   . VAL A 1 12 ? -2.812  -3.339  -5.770  1.00 13.12 ? 35  VAL A C   1 
ATOM   118 O O   . VAL A 1 12 ? -3.562  -3.388  -6.743  1.00 13.41 ? 35  VAL A O   1 
ATOM   119 C CB  . VAL A 1 12 ? -3.887  -1.585  -4.261  1.00 14.21 ? 35  VAL A CB  1 
ATOM   120 C CG1 . VAL A 1 12 ? -4.411  -2.783  -3.395  1.00 14.07 ? 35  VAL A CG1 1 
ATOM   121 C CG2 . VAL A 1 12 ? -3.600  -0.338  -3.349  1.00 14.93 ? 35  VAL A CG2 1 
ATOM   122 N N   . LEU A 1 13 ? -2.034  -4.352  -5.407  1.00 12.45 ? 36  LEU A N   1 
ATOM   123 C CA  . LEU A 1 13 ? -1.981  -5.611  -6.148  1.00 11.93 ? 36  LEU A CA  1 
ATOM   124 C C   . LEU A 1 13 ? -2.698  -6.808  -5.544  1.00 12.18 ? 36  LEU A C   1 
ATOM   125 O O   . LEU A 1 13 ? -2.978  -7.772  -6.245  1.00 11.07 ? 36  LEU A O   1 
ATOM   126 C CB  . LEU A 1 13 ? -0.497  -6.008  -6.315  1.00 12.79 ? 36  LEU A CB  1 
ATOM   127 C CG  . LEU A 1 13 ? 0.298   -5.023  -7.183  1.00 15.70 ? 36  LEU A CG  1 
ATOM   128 C CD1 . LEU A 1 13 ? 1.807   -5.353  -7.010  1.00 16.49 ? 36  LEU A CD1 1 
ATOM   129 C CD2 . LEU A 1 13 ? -0.099  -5.100  -8.618  1.00 19.97 ? 36  LEU A CD2 1 
ATOM   130 N N   . ASP A 1 14 ? -2.910  -6.770  -4.235  1.00 12.78 ? 37  ASP A N   1 
ATOM   131 C CA  . ASP A 1 14 ? -3.467  -7.932  -3.532  1.00 12.28 ? 37  ASP A CA  1 
ATOM   132 C C   . ASP A 1 14 ? -3.835  -7.520  -2.097  1.00 12.74 ? 37  ASP A C   1 
ATOM   133 O O   . ASP A 1 14 ? -3.486  -6.417  -1.640  1.00 13.38 ? 37  ASP A O   1 
ATOM   134 C CB  . ASP A 1 14 ? -2.409  -9.058  -3.514  1.00 11.18 ? 37  ASP A CB  1 
ATOM   135 C CG  . ASP A 1 14 ? -3.020  -10.447 -3.268  1.00 13.91 ? 37  ASP A CG  1 
ATOM   136 O OD1 . ASP A 1 14 ? -4.265  -10.586 -3.146  1.00 14.50 ? 37  ASP A OD1 1 
ATOM   137 O OD2 . ASP A 1 14 ? -2.222  -11.384 -3.174  1.00 13.34 ? 37  ASP A OD2 1 
ATOM   138 N N   . ARG A 1 15 ? -4.567  -8.409  -1.426  1.00 12.83 ? 38  ARG A N   1 
ATOM   139 C CA  . ARG A 1 15 ? -5.032  -8.250  -0.068  1.00 12.86 ? 38  ARG A CA  1 
ATOM   140 C C   . ARG A 1 15 ? -4.840  -9.587  0.639   1.00 13.15 ? 38  ARG A C   1 
ATOM   141 O O   . ARG A 1 15 ? -5.058  -10.646 0.051   1.00 12.65 ? 38  ARG A O   1 
ATOM   142 C CB  . ARG A 1 15 ? -6.529  -7.878  -0.044  1.00 12.72 ? 38  ARG A CB  1 
ATOM   143 C CG  . ARG A 1 15 ? -7.075  -7.700  1.370   1.00 14.64 ? 38  ARG A CG  1 
ATOM   144 C CD  . ARG A 1 15 ? -8.412  -6.962  1.339   1.00 14.53 ? 38  ARG A CD  1 
ATOM   145 N NE  . ARG A 1 15 ? -9.516  -7.770  0.797   1.00 13.36 ? 38  ARG A NE  1 
ATOM   146 C CZ  . ARG A 1 15 ? -10.758 -7.276  0.674   1.00 15.95 ? 38  ARG A CZ  1 
ATOM   147 N NH1 . ARG A 1 15 ? -10.998 -6.003  0.986   1.00 16.51 ? 38  ARG A NH1 1 
ATOM   148 N NH2 . ARG A 1 15 ? -11.752 -8.032  0.239   1.00 15.71 ? 38  ARG A NH2 1 
ATOM   149 N N   . ARG A 1 16 ? -4.466  -9.519  1.918   1.00 13.44 ? 39  ARG A N   1 
ATOM   150 C CA  . ARG A 1 16 ? -4.401  -10.721 2.755   1.00 12.18 ? 39  ARG A CA  1 
ATOM   151 C C   . ARG A 1 16 ? -4.779  -10.359 4.169   1.00 12.82 ? 39  ARG A C   1 
ATOM   152 O O   . ARG A 1 16 ? -4.880  -9.167  4.518   1.00 13.25 ? 39  ARG A O   1 
ATOM   153 C CB  . ARG A 1 16 ? -2.979  -11.358 2.720   1.00 12.53 ? 39  ARG A CB  1 
ATOM   154 C CG  . ARG A 1 16 ? -1.922  -10.567 3.542   1.00 11.47 ? 39  ARG A CG  1 
ATOM   155 C CD  . ARG A 1 16 ? -0.555  -11.229 3.324   1.00 12.08 ? 39  ARG A CD  1 
ATOM   156 N NE  . ARG A 1 16 ? 0.467   -10.474 4.055   1.00 13.05 ? 39  ARG A NE  1 
ATOM   157 C CZ  . ARG A 1 16 ? 1.791   -10.713 3.979   1.00 13.50 ? 39  ARG A CZ  1 
ATOM   158 N NH1 . ARG A 1 16 ? 2.301   -11.701 3.210   1.00 14.58 ? 39  ARG A NH1 1 
ATOM   159 N NH2 . ARG A 1 16 ? 2.615   -9.969  4.720   1.00 12.67 ? 39  ARG A NH2 1 
ATOM   160 N N   . VAL A 1 17 ? -4.943  -11.414 4.984   1.00 12.89 ? 40  VAL A N   1 
ATOM   161 C CA  . VAL A 1 17 ? -5.199  -11.265 6.415   1.00 13.77 ? 40  VAL A CA  1 
ATOM   162 C C   . VAL A 1 17 ? -4.075  -11.961 7.199   1.00 14.19 ? 40  VAL A C   1 
ATOM   163 O O   . VAL A 1 17 ? -3.724  -13.128 6.922   1.00 13.90 ? 40  VAL A O   1 
ATOM   164 C CB  . VAL A 1 17 ? -6.578  -11.866 6.800   1.00 14.05 ? 40  VAL A CB  1 
ATOM   165 C CG1 . VAL A 1 17 ? -6.811  -11.730 8.320   1.00 14.24 ? 40  VAL A CG1 1 
ATOM   166 C CG2 . VAL A 1 17 ? -7.676  -11.187 5.999   1.00 14.87 ? 40  VAL A CG2 1 
ATOM   167 N N   . VAL A 1 18 ? -3.509  -11.229 8.161   1.00 15.57 ? 41  VAL A N   1 
ATOM   168 C CA  . VAL A 1 18 ? -2.486  -11.773 9.041   1.00 17.10 ? 41  VAL A CA  1 
ATOM   169 C C   . VAL A 1 18 ? -2.856  -11.420 10.475  1.00 17.62 ? 41  VAL A C   1 
ATOM   170 O O   . VAL A 1 18 ? -2.875  -10.257 10.833  1.00 16.81 ? 41  VAL A O   1 
ATOM   171 C CB  . VAL A 1 18 ? -1.084  -11.168 8.788   1.00 19.34 ? 41  VAL A CB  1 
ATOM   172 C CG1 . VAL A 1 18 ? -0.026  -11.966 9.613   1.00 20.13 ? 41  VAL A CG1 1 
ATOM   173 C CG2 . VAL A 1 18 ? -0.710  -11.219 7.337   1.00 18.00 ? 41  VAL A CG2 1 
ATOM   174 N N   A ASN A 1 19 ? -3.130  -12.408 11.314  0.50 18.05 ? 42  ASN A N   1 
ATOM   175 N N   B ASN A 1 19 ? -3.187  -12.455 11.240  0.50 18.53 ? 42  ASN A N   1 
ATOM   176 C CA  A ASN A 1 19 ? -3.342  -12.121 12.761  0.50 18.45 ? 42  ASN A CA  1 
ATOM   177 C CA  B ASN A 1 19 ? -3.435  -12.331 12.689  0.50 19.90 ? 42  ASN A CA  1 
ATOM   178 C C   A ASN A 1 19 ? -4.413  -11.050 12.976  0.50 18.04 ? 42  ASN A C   1 
ATOM   179 C C   B ASN A 1 19 ? -4.423  -11.203 13.008  0.50 18.89 ? 42  ASN A C   1 
ATOM   180 O O   A ASN A 1 19 ? -4.244  -10.080 13.748  0.50 17.77 ? 42  ASN A O   1 
ATOM   181 O O   B ASN A 1 19 ? -4.196  -10.353 13.882  0.50 19.47 ? 42  ASN A O   1 
ATOM   182 C CB  A ASN A 1 19 ? -2.019  -11.749 13.464  0.50 19.23 ? 42  ASN A CB  1 
ATOM   183 C CB  B ASN A 1 19 ? -2.116  -12.172 13.458  0.50 20.90 ? 42  ASN A CB  1 
ATOM   184 C CG  A ASN A 1 19 ? -2.015  -12.104 14.969  0.50 18.83 ? 42  ASN A CG  1 
ATOM   185 C CG  B ASN A 1 19 ? -1.199  -13.391 13.348  0.50 23.72 ? 42  ASN A CG  1 
ATOM   186 O OD1 A ASN A 1 19 ? -2.799  -12.937 15.433  0.50 18.49 ? 42  ASN A OD1 1 
ATOM   187 O OD1 B ASN A 1 19 ? -1.646  -14.543 13.381  0.50 28.27 ? 42  ASN A OD1 1 
ATOM   188 N ND2 A ASN A 1 19 ? -1.128  -11.457 15.724  0.50 21.43 ? 42  ASN A ND2 1 
ATOM   189 N ND2 B ASN A 1 19 ? 0.106   -13.134 13.274  0.50 26.73 ? 42  ASN A ND2 1 
ATOM   190 N N   . GLY A 1 20 ? -5.527  -11.195 12.267  1.00 18.06 ? 43  GLY A N   1 
ATOM   191 C CA  . GLY A 1 20 ? -6.633  -10.284 12.505  1.00 17.42 ? 43  GLY A CA  1 
ATOM   192 C C   . GLY A 1 20 ? -6.544  -8.923  11.842  1.00 17.95 ? 43  GLY A C   1 
ATOM   193 O O   . GLY A 1 20 ? -7.448  -8.081  11.985  1.00 18.96 ? 43  GLY A O   1 
ATOM   194 N N   . LYS A 1 21 ? -5.465  -8.702  11.103  1.00 17.78 ? 44  LYS A N   1 
ATOM   195 C CA  . LYS A 1 21 ? -5.259  -7.432  10.415  1.00 18.00 ? 44  LYS A CA  1 
ATOM   196 C C   . LYS A 1 21 ? -5.282  -7.650  8.908   1.00 16.93 ? 44  LYS A C   1 
ATOM   197 O O   . LYS A 1 21 ? -4.694  -8.598  8.430   1.00 17.05 ? 44  LYS A O   1 
ATOM   198 C CB  . LYS A 1 21 ? -3.893  -6.850  10.806  1.00 17.88 ? 44  LYS A CB  1 
ATOM   199 C CG  . LYS A 1 21 ? -3.743  -6.466  12.256  1.00 22.82 ? 44  LYS A CG  1 
ATOM   200 C CD  . LYS A 1 21 ? -2.919  -5.186  12.353  1.00 32.89 ? 44  LYS A CD  1 
ATOM   201 C CE  . LYS A 1 21 ? -2.680  -4.748  13.815  1.00 38.19 ? 44  LYS A CE  1 
ATOM   202 N NZ  . LYS A 1 21 ? -3.843  -5.062  14.719  1.00 40.83 ? 44  LYS A NZ  1 
ATOM   203 N N   . VAL A 1 22 ? -5.888  -6.725  8.176   1.00 16.48 ? 45  VAL A N   1 
ATOM   204 C CA  . VAL A 1 22 ? -5.933  -6.814  6.721   1.00 15.77 ? 45  VAL A CA  1 
ATOM   205 C C   . VAL A 1 22 ? -4.724  -6.018  6.225   1.00 15.49 ? 45  VAL A C   1 
ATOM   206 O O   . VAL A 1 22 ? -4.473  -4.888  6.697   1.00 16.55 ? 45  VAL A O   1 
ATOM   207 C CB  . VAL A 1 22 ? -7.221  -6.208  6.168   1.00 16.43 ? 45  VAL A CB  1 
ATOM   208 C CG1 . VAL A 1 22 ? -7.167  -6.102  4.625   1.00 16.10 ? 45  VAL A CG1 1 
ATOM   209 C CG2 . VAL A 1 22 ? -8.423  -7.013  6.684   1.00 16.81 ? 45  VAL A CG2 1 
ATOM   210 N N   . GLU A 1 23 ? -3.971  -6.643  5.337   1.00 13.79 ? 46  GLU A N   1 
ATOM   211 C CA  . GLU A 1 23 ? -2.828  -5.984  4.665   1.00 13.48 ? 46  GLU A CA  1 
ATOM   212 C C   . GLU A 1 23 ? -3.027  -5.971  3.161   1.00 13.72 ? 46  GLU A C   1 
ATOM   213 O O   . GLU A 1 23 ? -3.684  -6.885  2.619   1.00 13.78 ? 46  GLU A O   1 
ATOM   214 C CB  . GLU A 1 23 ? -1.552  -6.745  4.966   1.00 12.88 ? 46  GLU A CB  1 
ATOM   215 C CG  . GLU A 1 23 ? -1.184  -6.753  6.467   1.00 12.17 ? 46  GLU A CG  1 
ATOM   216 C CD  . GLU A 1 23 ? 0.135   -7.474  6.699   1.00 15.92 ? 46  GLU A CD  1 
ATOM   217 O OE1 . GLU A 1 23 ? 0.568   -8.197  5.807   1.00 17.15 ? 46  GLU A OE1 1 
ATOM   218 O OE2 . GLU A 1 23 ? 0.776   -7.263  7.749   1.00 16.27 ? 46  GLU A OE2 1 
ATOM   219 N N   . TYR A 1 24 ? -2.508  -4.918  2.509   1.00 12.79 ? 47  TYR A N   1 
ATOM   220 C CA  . TYR A 1 24 ? -2.537  -4.820  1.038   1.00 12.39 ? 47  TYR A CA  1 
ATOM   221 C C   . TYR A 1 24 ? -1.123  -4.836  0.490   1.00 12.83 ? 47  TYR A C   1 
ATOM   222 O O   . TYR A 1 24 ? -0.215  -4.264  1.110   1.00 12.27 ? 47  TYR A O   1 
ATOM   223 C CB  . TYR A 1 24 ? -3.231  -3.512  0.585   1.00 13.37 ? 47  TYR A CB  1 
ATOM   224 C CG  . TYR A 1 24 ? -4.748  -3.554  0.758   1.00 13.16 ? 47  TYR A CG  1 
ATOM   225 C CD1 . TYR A 1 24 ? -5.580  -3.955  -0.312  1.00 13.84 ? 47  TYR A CD1 1 
ATOM   226 C CD2 . TYR A 1 24 ? -5.345  -3.184  1.987   1.00 15.27 ? 47  TYR A CD2 1 
ATOM   227 C CE1 . TYR A 1 24 ? -6.994  -4.001  -0.151  1.00 14.07 ? 47  TYR A CE1 1 
ATOM   228 C CE2 . TYR A 1 24 ? -6.748  -3.225  2.160   1.00 14.31 ? 47  TYR A CE2 1 
ATOM   229 C CZ  . TYR A 1 24 ? -7.553  -3.592  1.079   1.00 15.50 ? 47  TYR A CZ  1 
ATOM   230 O OH  . TYR A 1 24 ? -8.926  -3.640  1.208   1.00 16.99 ? 47  TYR A OH  1 
ATOM   231 N N   . PHE A 1 25 ? -0.946  -5.486  -0.669  1.00 12.17 ? 48  PHE A N   1 
ATOM   232 C CA  . PHE A 1 25 ? 0.383   -5.611  -1.311  1.00 11.35 ? 48  PHE A CA  1 
ATOM   233 C C   . PHE A 1 25 ? 0.530   -4.428  -2.278  1.00 11.59 ? 48  PHE A C   1 
ATOM   234 O O   . PHE A 1 25 ? -0.323  -4.249  -3.164  1.00 12.10 ? 48  PHE A O   1 
ATOM   235 C CB  . PHE A 1 25 ? 0.421   -6.932  -2.084  1.00 11.45 ? 48  PHE A CB  1 
ATOM   236 C CG  . PHE A 1 25 ? 1.770   -7.303  -2.644  1.00 11.36 ? 48  PHE A CG  1 
ATOM   237 C CD1 . PHE A 1 25 ? 2.930   -7.242  -1.852  1.00 11.72 ? 48  PHE A CD1 1 
ATOM   238 C CD2 . PHE A 1 25 ? 1.859   -7.793  -3.965  1.00 12.82 ? 48  PHE A CD2 1 
ATOM   239 C CE1 . PHE A 1 25 ? 4.183   -7.676  -2.347  1.00 13.13 ? 48  PHE A CE1 1 
ATOM   240 C CE2 . PHE A 1 25 ? 3.084   -8.238  -4.487  1.00 12.07 ? 48  PHE A CE2 1 
ATOM   241 C CZ  . PHE A 1 25 ? 4.264   -8.147  -3.710  1.00 13.32 ? 48  PHE A CZ  1 
ATOM   242 N N   . LEU A 1 26 ? 1.553   -3.602  -2.060  1.00 11.24 ? 49  LEU A N   1 
ATOM   243 C CA  . LEU A 1 26 ? 1.671   -2.311  -2.756  1.00 12.29 ? 49  LEU A CA  1 
ATOM   244 C C   . LEU A 1 26 ? 2.886   -2.283  -3.674  1.00 12.93 ? 49  LEU A C   1 
ATOM   245 O O   . LEU A 1 26 ? 3.955   -2.773  -3.309  1.00 12.87 ? 49  LEU A O   1 
ATOM   246 C CB  . LEU A 1 26 ? 1.833   -1.172  -1.727  1.00 12.73 ? 49  LEU A CB  1 
ATOM   247 C CG  . LEU A 1 26 ? 0.773   -1.040  -0.602  1.00 11.78 ? 49  LEU A CG  1 
ATOM   248 C CD1 . LEU A 1 26 ? 1.086   0.248   0.247   1.00 13.53 ? 49  LEU A CD1 1 
ATOM   249 C CD2 . LEU A 1 26 ? -0.606  -1.024  -1.221  1.00 11.23 ? 49  LEU A CD2 1 
ATOM   250 N N   . LYS A 1 27 ? 2.693   -1.683  -4.836  1.00 11.47 ? 50  LYS A N   1 
ATOM   251 C CA  . LYS A 1 27 ? 3.811   -1.242  -5.687  1.00 14.02 ? 50  LYS A CA  1 
ATOM   252 C C   . LYS A 1 27 ? 4.011   0.239   -5.407  1.00 13.73 ? 50  LYS A C   1 
ATOM   253 O O   . LYS A 1 27 ? 3.068   1.004   -5.499  1.00 13.62 ? 50  LYS A O   1 
ATOM   254 C CB  . LYS A 1 27 ? 3.406   -1.446  -7.143  1.00 14.48 ? 50  LYS A CB  1 
ATOM   255 C CG  . LYS A 1 27 ? 4.255   -0.722  -8.201  1.00 18.65 ? 50  LYS A CG  1 
ATOM   256 C CD  . LYS A 1 27 ? 5.555   -1.384  -8.394  1.00 21.16 ? 50  LYS A CD  1 
ATOM   257 C CE  . LYS A 1 27 ? 6.145   -0.945  -9.775  1.00 20.96 ? 50  LYS A CE  1 
ATOM   258 N NZ  . LYS A 1 27 ? 6.562   0.505   -9.585  1.00 23.36 ? 50  LYS A NZ  1 
ATOM   259 N N   . TRP A 1 28 ? 5.231   0.631   -5.059  1.00 13.92 ? 51  TRP A N   1 
ATOM   260 C CA  . TRP A 1 28 ? 5.502   2.018   -4.696  1.00 13.85 ? 51  TRP A CA  1 
ATOM   261 C C   . TRP A 1 28 ? 5.994   2.786   -5.915  1.00 14.50 ? 51  TRP A C   1 
ATOM   262 O O   . TRP A 1 28 ? 6.818   2.273   -6.702  1.00 15.32 ? 51  TRP A O   1 
ATOM   263 C CB  . TRP A 1 28 ? 6.577   2.054   -3.611  1.00 14.18 ? 51  TRP A CB  1 
ATOM   264 C CG  . TRP A 1 28 ? 6.200   1.310   -2.339  1.00 14.56 ? 51  TRP A CG  1 
ATOM   265 C CD1 . TRP A 1 28 ? 6.527   0.029   -2.019  1.00 15.05 ? 51  TRP A CD1 1 
ATOM   266 C CD2 . TRP A 1 28 ? 5.483   1.847   -1.229  1.00 15.18 ? 51  TRP A CD2 1 
ATOM   267 N NE1 . TRP A 1 28 ? 6.041   -0.304  -0.759  1.00 14.59 ? 51  TRP A NE1 1 
ATOM   268 C CE2 . TRP A 1 28 ? 5.398   0.802   -0.246  1.00 14.19 ? 51  TRP A CE2 1 
ATOM   269 C CE3 . TRP A 1 28 ? 4.876   3.089   -0.968  1.00 14.64 ? 51  TRP A CE3 1 
ATOM   270 C CZ2 . TRP A 1 28 ? 4.758   0.977   0.984   1.00 12.93 ? 51  TRP A CZ2 1 
ATOM   271 C CZ3 . TRP A 1 28 ? 4.250   3.286   0.296   1.00 15.66 ? 51  TRP A CZ3 1 
ATOM   272 C CH2 . TRP A 1 28 ? 4.191   2.214   1.252   1.00 15.67 ? 51  TRP A CH2 1 
ATOM   273 N N   . LYS A 1 29 ? 5.477   3.998   -6.067  1.00 13.52 ? 52  LYS A N   1 
ATOM   274 C CA  . LYS A 1 29 ? 5.873   4.853   -7.215  1.00 14.64 ? 52  LYS A CA  1 
ATOM   275 C C   . LYS A 1 29 ? 7.371   5.131   -7.189  1.00 15.03 ? 52  LYS A C   1 
ATOM   276 O O   . LYS A 1 29 ? 7.948   5.443   -6.126  1.00 15.03 ? 52  LYS A O   1 
ATOM   277 C CB  . LYS A 1 29 ? 5.047   6.127   -7.203  1.00 16.12 ? 52  LYS A CB  1 
ATOM   278 C CG  . LYS A 1 29 ? 5.281   7.019   -8.433  1.00 19.53 ? 52  LYS A CG  1 
ATOM   279 C CD  . LYS A 1 29 ? 4.750   6.364   -9.693  1.00 24.72 ? 52  LYS A CD  1 
ATOM   280 C CE  . LYS A 1 29 ? 4.676   7.348   -10.897 1.00 27.95 ? 52  LYS A CE  1 
ATOM   281 N NZ  . LYS A 1 29 ? 3.772   6.719   -11.946 1.00 31.60 ? 52  LYS A NZ  1 
ATOM   282 N N   . GLY A 1 30 ? 8.026   4.975   -8.344  1.00 15.26 ? 53  GLY A N   1 
ATOM   283 C CA  . GLY A 1 30 ? 9.471   5.214   -8.405  1.00 16.48 ? 53  GLY A CA  1 
ATOM   284 C C   . GLY A 1 30 ? 10.337  4.012   -8.055  1.00 17.00 ? 53  GLY A C   1 
ATOM   285 O O   . GLY A 1 30 ? 11.578  4.055   -8.211  1.00 16.47 ? 53  GLY A O   1 
ATOM   286 N N   . PHE A 1 31 ? 9.705   2.944   -7.554  1.00 15.91 ? 54  PHE A N   1 
ATOM   287 C CA  . PHE A 1 31 ? 10.463  1.764   -7.146  1.00 16.55 ? 54  PHE A CA  1 
ATOM   288 C C   . PHE A 1 31 ? 10.115  0.614   -8.075  1.00 17.48 ? 54  PHE A C   1 
ATOM   289 O O   . PHE A 1 31 ? 9.083   0.651   -8.740  1.00 20.33 ? 54  PHE A O   1 
ATOM   290 C CB  . PHE A 1 31 ? 10.163  1.335   -5.678  1.00 16.19 ? 54  PHE A CB  1 
ATOM   291 C CG  . PHE A 1 31 ? 10.731  2.294   -4.645  1.00 18.32 ? 54  PHE A CG  1 
ATOM   292 C CD1 . PHE A 1 31 ? 12.052  2.149   -4.192  1.00 20.44 ? 54  PHE A CD1 1 
ATOM   293 C CD2 . PHE A 1 31 ? 9.948   3.332   -4.155  1.00 19.18 ? 54  PHE A CD2 1 
ATOM   294 C CE1 . PHE A 1 31 ? 12.600  3.073   -3.253  1.00 20.56 ? 54  PHE A CE1 1 
ATOM   295 C CE2 . PHE A 1 31 ? 10.467  4.235   -3.197  1.00 19.91 ? 54  PHE A CE2 1 
ATOM   296 C CZ  . PHE A 1 31 ? 11.809  4.093   -2.770  1.00 18.69 ? 54  PHE A CZ  1 
ATOM   297 N N   . THR A 1 32 ? 10.973  -0.400  -8.119  1.00 16.61 ? 55  THR A N   1 
ATOM   298 C CA  . THR A 1 32 ? 10.680  -1.598  -8.909  1.00 16.87 ? 55  THR A CA  1 
ATOM   299 C C   . THR A 1 32 ? 9.793   -2.541  -8.078  1.00 15.98 ? 55  THR A C   1 
ATOM   300 O O   . THR A 1 32 ? 9.593   -2.321  -6.869  1.00 14.31 ? 55  THR A O   1 
ATOM   301 C CB  . THR A 1 32 ? 11.971  -2.357  -9.311  1.00 17.30 ? 55  THR A CB  1 
ATOM   302 O OG1 . THR A 1 32 ? 12.572  -2.954  -8.157  1.00 18.84 ? 55  THR A OG1 1 
ATOM   303 C CG2 . THR A 1 32 ? 12.960  -1.343  -10.015 1.00 19.64 ? 55  THR A CG2 1 
ATOM   304 N N   . ASP A 1 33 ? 9.264   -3.566  -8.746  1.00 16.18 ? 56  ASP A N   1 
ATOM   305 C CA  . ASP A 1 33 ? 8.474   -4.629  -8.070  1.00 16.13 ? 56  ASP A CA  1 
ATOM   306 C C   . ASP A 1 33 ? 9.212   -5.286  -6.905  1.00 15.72 ? 56  ASP A C   1 
ATOM   307 O O   . ASP A 1 33 ? 8.604   -5.753  -5.916  1.00 14.14 ? 56  ASP A O   1 
ATOM   308 C CB  . ASP A 1 33 ? 8.155   -5.710  -9.104  1.00 16.53 ? 56  ASP A CB  1 
ATOM   309 C CG  . ASP A 1 33 ? 7.042   -5.283  -10.056 1.00 22.77 ? 56  ASP A CG  1 
ATOM   310 O OD1 . ASP A 1 33 ? 6.014   -4.764  -9.560  1.00 27.95 ? 56  ASP A OD1 1 
ATOM   311 O OD2 . ASP A 1 33 ? 7.214   -5.488  -11.277 1.00 23.03 ? 56  ASP A OD2 1 
ATOM   312 N N   . ALA A 1 34 ? 10.543  -5.306  -6.995  1.00 15.83 ? 57  ALA A N   1 
ATOM   313 C CA  . ALA A 1 34 ? 11.339  -5.914  -5.928  1.00 16.43 ? 57  ALA A CA  1 
ATOM   314 C C   . ALA A 1 34 ? 11.089  -5.220  -4.591  1.00 16.17 ? 57  ALA A C   1 
ATOM   315 O O   . ALA A 1 34 ? 11.279  -5.844  -3.529  1.00 17.11 ? 57  ALA A O   1 
ATOM   316 C CB  . ALA A 1 34 ? 12.859  -5.860  -6.270  1.00 17.53 ? 57  ALA A CB  1 
ATOM   317 N N   . ASP A 1 35 ? 10.690  -3.941  -4.637  1.00 15.04 ? 58  ASP A N   1 
ATOM   318 C CA  . ASP A 1 35 ? 10.427  -3.177  -3.411  1.00 15.27 ? 58  ASP A CA  1 
ATOM   319 C C   . ASP A 1 35 ? 8.988   -3.206  -2.934  1.00 13.83 ? 58  ASP A C   1 
ATOM   320 O O   . ASP A 1 35 ? 8.632   -2.492  -1.997  1.00 13.33 ? 58  ASP A O   1 
ATOM   321 C CB  . ASP A 1 35 ? 10.940  -1.735  -3.513  1.00 16.24 ? 58  ASP A CB  1 
ATOM   322 C CG  . ASP A 1 35 ? 12.459  -1.668  -3.341  1.00 22.68 ? 58  ASP A CG  1 
ATOM   323 O OD1 . ASP A 1 35 ? 12.980  -2.150  -2.308  1.00 30.04 ? 58  ASP A OD1 1 
ATOM   324 O OD2 . ASP A 1 35 ? 13.110  -1.196  -4.271  1.00 28.35 ? 58  ASP A OD2 1 
ATOM   325 N N   . ASN A 1 36 ? 8.176   -4.059  -3.554  1.00 11.96 ? 59  ASN A N   1 
ATOM   326 C CA  . ASN A 1 36 ? 6.779   -4.129  -3.174  1.00 13.51 ? 59  ASN A CA  1 
ATOM   327 C C   . ASN A 1 36 ? 6.712   -4.603  -1.724  1.00 12.42 ? 59  ASN A C   1 
ATOM   328 O O   . ASN A 1 36 ? 7.534   -5.425  -1.308  1.00 12.46 ? 59  ASN A O   1 
ATOM   329 C CB  . ASN A 1 36 ? 6.024   -5.116  -4.072  1.00 12.22 ? 59  ASN A CB  1 
ATOM   330 C CG  . ASN A 1 36 ? 5.807   -4.569  -5.503  1.00 14.29 ? 59  ASN A CG  1 
ATOM   331 O OD1 . ASN A 1 36 ? 6.146   -3.435  -5.795  1.00 12.81 ? 59  ASN A OD1 1 
ATOM   332 N ND2 . ASN A 1 36 ? 5.274   -5.423  -6.418  1.00 14.24 ? 59  ASN A ND2 1 
ATOM   333 N N   . THR A 1 37 ? 5.765   -4.054  -0.968  1.00 11.65 ? 60  THR A N   1 
ATOM   334 C CA  . THR A 1 37 ? 5.559   -4.542  0.415   1.00 12.03 ? 60  THR A CA  1 
ATOM   335 C C   . THR A 1 37 ? 4.105   -4.720  0.788   1.00 10.81 ? 60  THR A C   1 
ATOM   336 O O   . THR A 1 37 ? 3.227   -4.118  0.168   1.00 12.70 ? 60  THR A O   1 
ATOM   337 C CB  . THR A 1 37 ? 6.157   -3.573  1.419   1.00 11.59 ? 60  THR A CB  1 
ATOM   338 O OG1 . THR A 1 37 ? 5.588   -2.261  1.256   1.00 13.05 ? 60  THR A OG1 1 
ATOM   339 C CG2 . THR A 1 37 ? 7.716   -3.522  1.293   1.00 14.74 ? 60  THR A CG2 1 
ATOM   340 N N   . TRP A 1 38 ? 3.875   -5.533  1.810   1.00 12.28 ? 61  TRP A N   1 
ATOM   341 C CA  . TRP A 1 38 ? 2.554   -5.654  2.401   1.00 12.05 ? 61  TRP A CA  1 
ATOM   342 C C   . TRP A 1 38 ? 2.451   -4.655  3.530   1.00 13.10 ? 61  TRP A C   1 
ATOM   343 O O   . TRP A 1 38 ? 3.369   -4.577  4.366   1.00 15.20 ? 61  TRP A O   1 
ATOM   344 C CB  . TRP A 1 38 ? 2.378   -7.058  2.951   1.00 12.15 ? 61  TRP A CB  1 
ATOM   345 C CG  . TRP A 1 38 ? 2.308   -8.092  1.870   1.00 10.77 ? 61  TRP A CG  1 
ATOM   346 C CD1 . TRP A 1 38 ? 3.363   -8.810  1.335   1.00 12.63 ? 61  TRP A CD1 1 
ATOM   347 C CD2 . TRP A 1 38 ? 1.124   -8.580  1.237   1.00 13.69 ? 61  TRP A CD2 1 
ATOM   348 N NE1 . TRP A 1 38 ? 2.894   -9.710  0.392   1.00 13.49 ? 61  TRP A NE1 1 
ATOM   349 C CE2 . TRP A 1 38 ? 1.529   -9.608  0.318   1.00 13.57 ? 61  TRP A CE2 1 
ATOM   350 C CE3 . TRP A 1 38 ? -0.243  -8.268  1.350   1.00 12.54 ? 61  TRP A CE3 1 
ATOM   351 C CZ2 . TRP A 1 38 ? 0.610   -10.293 -0.504  1.00 11.84 ? 61  TRP A CZ2 1 
ATOM   352 C CZ3 . TRP A 1 38 ? -1.174  -8.956  0.523   1.00 13.98 ? 61  TRP A CZ3 1 
ATOM   353 C CH2 . TRP A 1 38 ? -0.734  -9.965  -0.378  1.00 11.17 ? 61  TRP A CH2 1 
ATOM   354 N N   . GLU A 1 39 ? 1.346   -3.919  3.557   1.00 12.87 ? 62  GLU A N   1 
ATOM   355 C CA  . GLU A 1 39 ? 1.142   -2.878  4.576   1.00 13.63 ? 62  GLU A CA  1 
ATOM   356 C C   . GLU A 1 39 ? -0.246  -3.019  5.190   1.00 14.37 ? 62  GLU A C   1 
ATOM   357 O O   . GLU A 1 39 ? -1.215  -3.235  4.471   1.00 14.70 ? 62  GLU A O   1 
ATOM   358 C CB  . GLU A 1 39 ? 1.258   -1.481  3.917   1.00 12.68 ? 62  GLU A CB  1 
ATOM   359 C CG  . GLU A 1 39 ? 2.671   -1.192  3.298   1.00 15.12 ? 62  GLU A CG  1 
ATOM   360 C CD  . GLU A 1 39 ? 3.856   -1.262  4.273   1.00 16.25 ? 62  GLU A CD  1 
ATOM   361 O OE1 . GLU A 1 39 ? 3.699   -1.215  5.526   1.00 14.47 ? 62  GLU A OE1 1 
ATOM   362 O OE2 . GLU A 1 39 ? 4.987   -1.372  3.759   1.00 15.76 ? 62  GLU A OE2 1 
ATOM   363 N N   . PRO A 1 40 ? -0.350  -2.815  6.518   1.00 15.34 ? 63  PRO A N   1 
ATOM   364 C CA  . PRO A 1 40 ? -1.662  -2.906  7.141   1.00 16.08 ? 63  PRO A CA  1 
ATOM   365 C C   . PRO A 1 40 ? -2.550  -1.719  6.783   1.00 17.15 ? 63  PRO A C   1 
ATOM   366 O O   . PRO A 1 40 ? -2.056  -0.617  6.491   1.00 15.24 ? 63  PRO A O   1 
ATOM   367 C CB  . PRO A 1 40 ? -1.336  -2.949  8.633   1.00 16.82 ? 63  PRO A CB  1 
ATOM   368 C CG  . PRO A 1 40 ? -0.065  -2.147  8.768   1.00 16.99 ? 63  PRO A CG  1 
ATOM   369 C CD  . PRO A 1 40 ? 0.713   -2.478  7.491   1.00 15.82 ? 63  PRO A CD  1 
ATOM   370 N N   . GLU A 1 41 ? -3.862  -1.963  6.767   1.00 17.80 ? 64  GLU A N   1 
ATOM   371 C CA  . GLU A 1 41 ? -4.869  -0.915  6.520   1.00 20.72 ? 64  GLU A CA  1 
ATOM   372 C C   . GLU A 1 41 ? -4.568  0.437   7.162   1.00 20.49 ? 64  GLU A C   1 
ATOM   373 O O   . GLU A 1 41 ? -4.733  1.499   6.524   1.00 21.19 ? 64  GLU A O   1 
ATOM   374 C CB  . GLU A 1 41 ? -6.241  -1.341  7.079   1.00 20.44 ? 64  GLU A CB  1 
ATOM   375 C CG  . GLU A 1 41 ? -6.913  -2.410  6.318   1.00 24.02 ? 64  GLU A CG  1 
ATOM   376 C CD  . GLU A 1 41 ? -8.314  -2.736  6.840   1.00 23.71 ? 64  GLU A CD  1 
ATOM   377 O OE1 . GLU A 1 41 ? -8.618  -2.428  8.024   1.00 22.88 ? 64  GLU A OE1 1 
ATOM   378 O OE2 . GLU A 1 41 ? -9.117  -3.281  6.048   1.00 29.38 ? 64  GLU A OE2 1 
ATOM   379 N N   . GLU A 1 42 ? -4.185  0.405   8.435   1.00 21.13 ? 65  GLU A N   1 
ATOM   380 C CA  . GLU A 1 42 ? -3.910  1.649   9.208   1.00 21.91 ? 65  GLU A CA  1 
ATOM   381 C C   . GLU A 1 42 ? -2.778  2.494   8.592   1.00 21.82 ? 65  GLU A C   1 
ATOM   382 O O   . GLU A 1 42 ? -2.667  3.700   8.891   1.00 22.01 ? 65  GLU A O   1 
ATOM   383 C CB  . GLU A 1 42 ? -3.555  1.324   10.660  1.00 22.86 ? 65  GLU A CB  1 
ATOM   384 C CG  . GLU A 1 42 ? -2.535  0.175   10.808  1.00 28.76 ? 65  GLU A CG  1 
ATOM   385 C CD  . GLU A 1 42 ? -3.102  -1.325  10.925  1.00 34.54 ? 65  GLU A CD  1 
ATOM   386 O OE1 . GLU A 1 42 ? -4.222  -1.807  10.403  1.00 28.36 ? 65  GLU A OE1 1 
ATOM   387 O OE2 . GLU A 1 42 ? -2.309  -2.062  11.586  1.00 39.16 ? 65  GLU A OE2 1 
ATOM   388 N N   . ASN A 1 43 ? -1.936  1.865   7.763   1.00 19.32 ? 66  ASN A N   1 
ATOM   389 C CA  . ASN A 1 43 ? -0.802  2.575   7.105   1.00 18.82 ? 66  ASN A CA  1 
ATOM   390 C C   . ASN A 1 43 ? -1.229  3.273   5.826   1.00 18.77 ? 66  ASN A C   1 
ATOM   391 O O   . ASN A 1 43 ? -0.461  4.076   5.247   1.00 18.06 ? 66  ASN A O   1 
ATOM   392 C CB  . ASN A 1 43 ? 0.358   1.602   6.796   1.00 17.99 ? 66  ASN A CB  1 
ATOM   393 C CG  . ASN A 1 43 ? 1.275   1.323   7.981   1.00 20.94 ? 66  ASN A CG  1 
ATOM   394 O OD1 . ASN A 1 43 ? 0.960   1.619   9.145   1.00 21.32 ? 66  ASN A OD1 1 
ATOM   395 N ND2 . ASN A 1 43 ? 2.430   0.721   7.689   1.00 21.49 ? 66  ASN A ND2 1 
ATOM   396 N N   . LEU A 1 44 ? -2.425  2.950   5.333   1.00 18.10 ? 67  LEU A N   1 
ATOM   397 C CA  . LEU A 1 44 ? -2.836  3.331   3.984   1.00 17.69 ? 67  LEU A CA  1 
ATOM   398 C C   . LEU A 1 44 ? -3.648  4.612   3.872   1.00 18.47 ? 67  LEU A C   1 
ATOM   399 O O   . LEU A 1 44 ? -4.561  4.853   4.681   1.00 18.91 ? 67  LEU A O   1 
ATOM   400 C CB  . LEU A 1 44 ? -3.666  2.205   3.324   1.00 18.23 ? 67  LEU A CB  1 
ATOM   401 C CG  . LEU A 1 44 ? -3.086  0.789   3.465   1.00 18.71 ? 67  LEU A CG  1 
ATOM   402 C CD1 . LEU A 1 44 ? -4.049  -0.194  2.798   1.00 24.63 ? 67  LEU A CD1 1 
ATOM   403 C CD2 . LEU A 1 44 ? -1.708  0.708   2.794   1.00 19.11 ? 67  LEU A CD2 1 
ATOM   404 N N   . ASP A 1 45 ? -3.359  5.385   2.822   1.00 16.96 ? 68  ASP A N   1 
ATOM   405 C CA  . ASP A 1 45 ? -4.225  6.473   2.421   1.00 17.50 ? 68  ASP A CA  1 
ATOM   406 C C   . ASP A 1 45 ? -4.319  6.496   0.892   1.00 17.61 ? 68  ASP A C   1 
ATOM   407 O O   . ASP A 1 45 ? -3.960  7.471   0.210   1.00 17.18 ? 68  ASP A O   1 
ATOM   408 C CB  . ASP A 1 45 ? -3.761  7.795   3.055   1.00 17.95 ? 68  ASP A CB  1 
ATOM   409 C CG  . ASP A 1 45 ? -4.700  8.966   2.716   1.00 21.04 ? 68  ASP A CG  1 
ATOM   410 O OD1 . ASP A 1 45 ? -5.877  8.744   2.297   1.00 20.95 ? 68  ASP A OD1 1 
ATOM   411 O OD2 . ASP A 1 45 ? -4.224  10.123  2.808   1.00 25.16 ? 68  ASP A OD2 1 
ATOM   412 N N   . CYS A 1 46 ? -4.814  5.387   0.354   1.00 17.82 ? 69  CYS A N   1 
ATOM   413 C CA  . CYS A 1 46 ? -4.952  5.242   -1.103  1.00 17.78 ? 69  CYS A CA  1 
ATOM   414 C C   . CYS A 1 46 ? -6.290  4.596   -1.439  1.00 18.13 ? 69  CYS A C   1 
ATOM   415 O O   . CYS A 1 46 ? -6.345  3.553   -2.137  1.00 15.06 ? 69  CYS A O   1 
ATOM   416 C CB  . CYS A 1 46 ? -3.764  4.473   -1.720  1.00 19.32 ? 69  CYS A CB  1 
ATOM   417 S SG  . CYS A 1 46 ? -3.334  2.955   -0.870  1.00 18.62 ? 69  CYS A SG  1 
ATOM   418 N N   . PRO A 1 47 ? -7.380  5.255   -1.014  1.00 18.85 ? 70  PRO A N   1 
ATOM   419 C CA  . PRO A 1 47 ? -8.703  4.619   -1.157  1.00 19.18 ? 70  PRO A CA  1 
ATOM   420 C C   . PRO A 1 47 ? -9.133  4.427   -2.606  1.00 17.92 ? 70  PRO A C   1 
ATOM   421 O O   . PRO A 1 47 ? -9.800  3.417   -2.918  1.00 19.19 ? 70  PRO A O   1 
ATOM   422 C CB  . PRO A 1 47 ? -9.644  5.578   -0.386  1.00 19.88 ? 70  PRO A CB  1 
ATOM   423 C CG  . PRO A 1 47 ? -8.935  6.944   -0.497  1.00 20.70 ? 70  PRO A CG  1 
ATOM   424 C CD  . PRO A 1 47 ? -7.465  6.581   -0.349  1.00 19.40 ? 70  PRO A CD  1 
ATOM   425 N N   . GLU A 1 48 ? -8.736  5.327   -3.516  1.00 18.46 ? 71  GLU A N   1 
ATOM   426 C CA  . GLU A 1 48 ? -9.091  5.121   -4.926  1.00 20.48 ? 71  GLU A CA  1 
ATOM   427 C C   . GLU A 1 48 ? -8.378  3.897   -5.524  1.00 18.73 ? 71  GLU A C   1 
ATOM   428 O O   . GLU A 1 48 ? -8.964  3.141   -6.304  1.00 16.64 ? 71  GLU A O   1 
ATOM   429 C CB  . GLU A 1 48 ? -8.840  6.376   -5.774  1.00 20.69 ? 71  GLU A CB  1 
ATOM   430 C CG  . GLU A 1 48 ? -9.640  7.633   -5.346  1.00 26.64 ? 71  GLU A CG  1 
ATOM   431 C CD  . GLU A 1 48 ? -9.656  8.702   -6.452  1.00 27.78 ? 71  GLU A CD  1 
ATOM   432 O OE1 . GLU A 1 48 ? -8.571  9.271   -6.768  1.00 37.18 ? 71  GLU A OE1 1 
ATOM   433 O OE2 . GLU A 1 48 ? -10.748 8.965   -7.017  1.00 38.97 ? 71  GLU A OE2 1 
ATOM   434 N N   . LEU A 1 49 ? -7.123  3.675   -5.132  1.00 17.18 ? 72  LEU A N   1 
ATOM   435 C CA  . LEU A 1 49 ? -6.411  2.515   -5.633  1.00 16.63 ? 72  LEU A CA  1 
ATOM   436 C C   . LEU A 1 49 ? -6.973  1.205   -5.056  1.00 15.51 ? 72  LEU A C   1 
ATOM   437 O O   . LEU A 1 49 ? -7.069  0.186   -5.785  1.00 15.57 ? 72  LEU A O   1 
ATOM   438 C CB  . LEU A 1 49 ? -4.924  2.617   -5.307  1.00 16.29 ? 72  LEU A CB  1 
ATOM   439 C CG  . LEU A 1 49 ? -4.119  3.739   -5.969  1.00 16.44 ? 72  LEU A CG  1 
ATOM   440 C CD1 . LEU A 1 49 ? -2.624  3.529   -5.534  1.00 18.87 ? 72  LEU A CD1 1 
ATOM   441 C CD2 . LEU A 1 49 ? -4.230  3.612   -7.492  1.00 18.53 ? 72  LEU A CD2 1 
ATOM   442 N N   . ILE A 1 50 ? -7.348  1.260   -3.779  1.00 15.84 ? 73  ILE A N   1 
ATOM   443 C CA  . ILE A 1 50 ? -7.957  0.074   -3.106  1.00 16.25 ? 73  ILE A CA  1 
ATOM   444 C C   . ILE A 1 50 ? -9.290  -0.255  -3.793  1.00 17.48 ? 73  ILE A C   1 
ATOM   445 O O   . ILE A 1 50 ? -9.538  -1.411  -4.169  1.00 15.36 ? 73  ILE A O   1 
ATOM   446 C CB  . ILE A 1 50 ? -8.137  0.285   -1.610  1.00 16.58 ? 73  ILE A CB  1 
ATOM   447 C CG1 . ILE A 1 50 ? -6.763  0.245   -0.905  1.00 16.22 ? 73  ILE A CG1 1 
ATOM   448 C CG2 . ILE A 1 50 ? -9.091  -0.823  -0.999  1.00 16.34 ? 73  ILE A CG2 1 
ATOM   449 C CD1 . ILE A 1 50 ? -6.748  0.740   0.521   1.00 21.53 ? 73  ILE A CD1 1 
ATOM   450 N N   . GLU A 1 51 ? -10.125 0.762   -3.990  1.00 17.95 ? 74  GLU A N   1 
ATOM   451 C CA  . GLU A 1 51 ? -11.395 0.566   -4.702  1.00 20.55 ? 74  GLU A CA  1 
ATOM   452 C C   . GLU A 1 51 ? -11.243 -0.052  -6.107  1.00 20.28 ? 74  GLU A C   1 
ATOM   453 O O   . GLU A 1 51 ? -11.979 -1.012  -6.460  1.00 19.12 ? 74  GLU A O   1 
ATOM   454 C CB  . GLU A 1 51 ? -12.154 1.895   -4.775  1.00 20.98 ? 74  GLU A CB  1 
ATOM   455 C CG  . GLU A 1 51 ? -13.532 1.809   -5.409  1.00 25.08 ? 74  GLU A CG  1 
ATOM   456 C CD  . GLU A 1 51 ? -14.142 3.205   -5.680  1.00 27.07 ? 74  GLU A CD  1 
ATOM   457 O OE1 . GLU A 1 51 ? -13.395 4.206   -5.889  1.00 34.58 ? 74  GLU A OE1 1 
ATOM   458 O OE2 . GLU A 1 51 ? -15.388 3.281   -5.706  1.00 36.36 ? 74  GLU A OE2 1 
ATOM   459 N N   . ALA A 1 52 ? -10.308 0.493   -6.887  1.00 18.37 ? 75  ALA A N   1 
ATOM   460 C CA  . ALA A 1 52 ? -10.014 0.025   -8.228  1.00 19.04 ? 75  ALA A CA  1 
ATOM   461 C C   . ALA A 1 52 ? -9.562  -1.439  -8.188  1.00 18.08 ? 75  ALA A C   1 
ATOM   462 O O   . ALA A 1 52 ? -9.979  -2.235  -9.030  1.00 17.32 ? 75  ALA A O   1 
ATOM   463 C CB  . ALA A 1 52 ? -8.925  0.893   -8.875  1.00 19.26 ? 75  ALA A CB  1 
ATOM   464 N N   . PHE A 1 53 ? -8.706  -1.770  -7.212  1.00 17.01 ? 76  PHE A N   1 
ATOM   465 C CA  . PHE A 1 53 ? -8.218  -3.145  -7.084  1.00 16.22 ? 76  PHE A CA  1 
ATOM   466 C C   . PHE A 1 53 ? -9.396  -4.101  -6.796  1.00 16.00 ? 76  PHE A C   1 
ATOM   467 O O   . PHE A 1 53 ? -9.557  -5.119  -7.499  1.00 16.63 ? 76  PHE A O   1 
ATOM   468 C CB  . PHE A 1 53 ? -7.162  -3.284  -5.972  1.00 15.24 ? 76  PHE A CB  1 
ATOM   469 C CG  . PHE A 1 53 ? -6.908  -4.722  -5.632  1.00 15.18 ? 76  PHE A CG  1 
ATOM   470 C CD1 . PHE A 1 53 ? -6.324  -5.569  -6.584  1.00 14.88 ? 76  PHE A CD1 1 
ATOM   471 C CD2 . PHE A 1 53 ? -7.371  -5.243  -4.429  1.00 14.47 ? 76  PHE A CD2 1 
ATOM   472 C CE1 . PHE A 1 53 ? -6.145  -6.948  -6.326  1.00 13.77 ? 76  PHE A CE1 1 
ATOM   473 C CE2 . PHE A 1 53 ? -7.204  -6.649  -4.150  1.00 15.01 ? 76  PHE A CE2 1 
ATOM   474 C CZ  . PHE A 1 53 ? -6.594  -7.468  -5.112  1.00 15.56 ? 76  PHE A CZ  1 
ATOM   475 N N   . LEU A 1 54 ? -10.208 -3.759  -5.796  1.00 15.43 ? 77  LEU A N   1 
ATOM   476 C CA  . LEU A 1 54 ? -11.340 -4.654  -5.406  1.00 17.59 ? 77  LEU A CA  1 
ATOM   477 C C   . LEU A 1 54 ? -12.357 -4.783  -6.567  1.00 18.49 ? 77  LEU A C   1 
ATOM   478 O O   . LEU A 1 54 ? -12.810 -5.900  -6.872  1.00 19.12 ? 77  LEU A O   1 
ATOM   479 C CB  . LEU A 1 54 ? -11.997 -4.215  -4.085  1.00 17.77 ? 77  LEU A CB  1 
ATOM   480 C CG  . LEU A 1 54 ? -11.080 -4.249  -2.830  1.00 17.61 ? 77  LEU A CG  1 
ATOM   481 C CD1 . LEU A 1 54 ? -11.688 -3.582  -1.591  1.00 20.03 ? 77  LEU A CD1 1 
ATOM   482 C CD2 . LEU A 1 54 ? -10.615 -5.663  -2.493  1.00 17.11 ? 77  LEU A CD2 1 
ATOM   483 N N   . ASN A 1 55 ? -12.650 -3.668  -7.243  1.00 20.16 ? 78  ASN A N   1 
ATOM   484 C CA  . ASN A 1 55 ? -13.546 -3.726  -8.417  1.00 21.40 ? 78  ASN A CA  1 
ATOM   485 C C   . ASN A 1 55 ? -13.007 -4.625  -9.520  1.00 21.46 ? 78  ASN A C   1 
ATOM   486 O O   . ASN A 1 55 ? -13.789 -5.358  -10.153 1.00 22.40 ? 78  ASN A O   1 
ATOM   487 C CB  . ASN A 1 55 ? -13.828 -2.326  -8.988  1.00 22.41 ? 78  ASN A CB  1 
ATOM   488 C CG  . ASN A 1 55 ? -14.678 -1.483  -8.045  1.00 26.99 ? 78  ASN A CG  1 
ATOM   489 O OD1 . ASN A 1 55 ? -15.393 -2.016  -7.200  1.00 31.06 ? 78  ASN A OD1 1 
ATOM   490 N ND2 . ASN A 1 55 ? -14.582 -0.157  -8.173  1.00 31.02 ? 78  ASN A ND2 1 
ATOM   491 N N   . SER A 1 56 ? -11.679 -4.600  -9.712  1.00 20.04 ? 79  SER A N   1 
ATOM   492 C CA  . SER A 1 56 ? -10.977 -5.389  -10.734 1.00 20.18 ? 79  SER A CA  1 
ATOM   493 C C   . SER A 1 56 ? -11.114 -6.889  -10.508 1.00 21.25 ? 79  SER A C   1 
ATOM   494 O O   . SER A 1 56 ? -10.965 -7.677  -11.442 1.00 21.19 ? 79  SER A O   1 
ATOM   495 C CB  . SER A 1 56 ? -9.473  -5.007  -10.821 1.00 19.47 ? 79  SER A CB  1 
ATOM   496 O OG  . SER A 1 56 ? -8.668  -5.622  -9.811  1.00 18.22 ? 79  SER A OG  1 
ATOM   497 N N   . GLN A 1 57 ? -11.402 -7.268  -9.271  1.00 21.88 ? 80  GLN A N   1 
ATOM   498 C CA  . GLN A 1 57 ? -11.494 -8.678  -8.890  1.00 24.03 ? 80  GLN A CA  1 
ATOM   499 C C   . GLN A 1 57 ? -12.935 -9.177  -8.926  1.00 27.44 ? 80  GLN A C   1 
ATOM   500 O O   . GLN A 1 57 ? -13.156 -10.381 -8.794  1.00 28.91 ? 80  GLN A O   1 
ATOM   501 C CB  . GLN A 1 57 ? -10.911 -8.898  -7.498  1.00 23.45 ? 80  GLN A CB  1 
ATOM   502 C CG  . GLN A 1 57 ? -9.402  -8.561  -7.381  1.00 21.39 ? 80  GLN A CG  1 
ATOM   503 C CD  . GLN A 1 57 ? -8.584  -9.253  -8.460  1.00 23.38 ? 80  GLN A CD  1 
ATOM   504 O OE1 . GLN A 1 57 ? -8.448  -10.483 -8.447  1.00 24.65 ? 80  GLN A OE1 1 
ATOM   505 N NE2 . GLN A 1 57 ? -8.077  -8.479  -9.429  1.00 19.80 ? 80  GLN A NE2 1 
ATOM   506 N N   . LYS A 1 58 ? -13.867 -8.227  -9.069  1.00 29.65 ? 81  LYS A N   1 
ATOM   507 C CA  . LYS A 1 58 ? -15.327 -8.420  -9.333  1.00 32.12 ? 81  LYS A CA  1 
ATOM   508 C C   . LYS A 1 58 ? -16.206 -7.819  -8.239  1.00 33.74 ? 81  LYS A C   1 
ATOM   509 O O   . LYS A 1 58 ? -16.431 -6.589  -8.181  1.00 35.10 ? 81  LYS A O   1 
ATOM   510 C CB  . LYS A 1 58 ? -15.701 -9.909  -9.619  1.00 32.92 ? 81  LYS A CB  1 
ATOM   511 N N   . TYR B 2 1  ? 5.967   16.381  -1.455  1.00 13.15 ? 18  TYR T N   1 
ATOM   512 C CA  . TYR B 2 1  ? 5.619   15.358  -0.418  1.00 13.51 ? 18  TYR T CA  1 
ATOM   513 C C   . TYR B 2 1  ? 4.156   14.955  -0.620  1.00 14.15 ? 18  TYR T C   1 
ATOM   514 O O   . TYR B 2 1  ? 3.339   15.804  -0.908  1.00 14.40 ? 18  TYR T O   1 
ATOM   515 C CB  . TYR B 2 1  ? 5.751   15.942  0.994   1.00 14.59 ? 18  TYR T CB  1 
ATOM   516 C CG  . TYR B 2 1  ? 5.700   14.886  2.100   1.00 14.77 ? 18  TYR T CG  1 
ATOM   517 C CD1 . TYR B 2 1  ? 6.841   14.163  2.440   1.00 12.55 ? 18  TYR T CD1 1 
ATOM   518 C CD2 . TYR B 2 1  ? 4.506   14.611  2.799   1.00 15.07 ? 18  TYR T CD2 1 
ATOM   519 C CE1 . TYR B 2 1  ? 6.838   13.171  3.448   1.00 17.94 ? 18  TYR T CE1 1 
ATOM   520 C CE2 . TYR B 2 1  ? 4.512   13.604  3.852   1.00 16.89 ? 18  TYR T CE2 1 
ATOM   521 C CZ  . TYR B 2 1  ? 5.682   12.899  4.128   1.00 17.17 ? 18  TYR T CZ  1 
ATOM   522 O OH  . TYR B 2 1  ? 5.720   11.949  5.136   1.00 19.95 ? 18  TYR T OH  1 
ATOM   523 N N   . PRO B 2 2  ? 3.831   13.655  -0.495  1.00 15.43 ? 19  PRO T N   1 
ATOM   524 C CA  . PRO B 2 2  ? 2.459   13.334  -0.980  1.00 16.12 ? 19  PRO T CA  1 
ATOM   525 C C   . PRO B 2 2  ? 1.348   13.771  -0.044  1.00 15.36 ? 19  PRO T C   1 
ATOM   526 O O   . PRO B 2 2  ? 1.512   13.745  1.183   1.00 15.61 ? 19  PRO T O   1 
ATOM   527 C CB  . PRO B 2 2  ? 2.450   11.794  -1.083  1.00 16.86 ? 19  PRO T CB  1 
ATOM   528 C CG  . PRO B 2 2  ? 3.573   11.321  -0.270  1.00 17.16 ? 19  PRO T CG  1 
ATOM   529 C CD  . PRO B 2 2  ? 4.589   12.457  -0.079  1.00 16.53 ? 19  PRO T CD  1 
ATOM   530 N N   . VAL B 2 3  ? 0.227   14.152  -0.638  1.00 16.94 ? 20  VAL T N   1 
ATOM   531 C CA  . VAL B 2 3  ? -0.950  14.518  0.133   1.00 19.00 ? 20  VAL T CA  1 
ATOM   532 C C   . VAL B 2 3  ? -2.147  13.592  -0.106  1.00 18.44 ? 20  VAL T C   1 
ATOM   533 O O   . VAL B 2 3  ? -3.194  13.766  0.530   1.00 18.64 ? 20  VAL T O   1 
ATOM   534 C CB  . VAL B 2 3  ? -1.365  16.000  -0.130  1.00 19.37 ? 20  VAL T CB  1 
ATOM   535 C CG1 . VAL B 2 3  ? -0.204  16.919  0.159   1.00 20.72 ? 20  VAL T CG1 1 
ATOM   536 C CG2 . VAL B 2 3  ? -1.872  16.194  -1.549  1.00 22.40 ? 20  VAL T CG2 1 
ATOM   537 N N   . LYS B 2 4  ? -1.994  12.639  -1.030  1.00 19.17 ? 21  LYS T N   1 
ATOM   538 C CA  . LYS B 2 4  ? -3.039  11.676  -1.381  1.00 19.99 ? 21  LYS T CA  1 
ATOM   539 C C   . LYS B 2 4  ? -2.355  10.475  -2.002  1.00 18.79 ? 21  LYS T C   1 
ATOM   540 O O   . LYS B 2 4  ? -1.158  10.574  -2.312  1.00 17.69 ? 21  LYS T O   1 
ATOM   541 C CB  . LYS B 2 4  ? -4.028  12.275  -2.393  1.00 20.42 ? 21  LYS T CB  1 
ATOM   542 C CG  . LYS B 2 4  ? -3.368  12.817  -3.639  1.00 21.65 ? 21  LYS T CG  1 
ATOM   543 C CD  . LYS B 2 4  ? -4.344  13.588  -4.529  1.00 24.74 ? 21  LYS T CD  1 
ATOM   544 C CE  . LYS B 2 4  ? -3.667  13.983  -5.853  1.00 29.23 ? 21  LYS T CE  1 
ATOM   545 N NZ  . LYS B 2 4  ? -4.591  14.696  -6.796  1.00 32.76 ? 21  LYS T NZ  1 
ATOM   546 N N   . LYS B 2 5  ? -3.102  9.383   -2.231  1.00 16.16 ? 22  LYS T N   1 
ATOM   547 C CA  . LYS B 2 5  ? -2.536  8.157   -2.934  1.00 16.62 ? 22  LYS T CA  1 
ATOM   548 C C   . LYS B 2 5  ? -1.172  7.786   -2.324  1.00 14.30 ? 22  LYS T C   1 
ATOM   549 O O   . LYS B 2 5  ? -0.126  7.692   -3.006  1.00 15.33 ? 22  LYS T O   1 
ATOM   550 C CB  . LYS B 2 5  ? -2.411  8.382   -4.456  1.00 17.02 ? 22  LYS T CB  1 
ATOM   551 C CG  . LYS B 2 5  ? -2.280  7.070   -5.280  1.00 16.65 ? 22  LYS T CG  1 
ATOM   552 C CD  . LYS B 2 5  ? -2.200  7.376   -6.768  1.00 19.45 ? 22  LYS T CD  1 
ATOM   553 C CE  . LYS B 2 5  ? -0.739  7.707   -7.198  1.00 23.05 ? 22  LYS T CE  1 
ATOM   554 N NZ  . LYS B 2 5  ? -0.760  7.906   -8.690  1.00 28.06 ? 22  LYS T NZ  1 
ATOM   555 N N   . LYS B 2 6  ? -1.188  7.587   -1.010  1.00 14.09 ? 23  LYS T N   1 
ATOM   556 C CA  . LYS B 2 6  ? 0.053   7.439   -0.238  1.00 13.99 ? 23  LYS T CA  1 
ATOM   557 C C   . LYS B 2 6  ? -0.100  6.414   0.901   1.00 14.97 ? 23  LYS T C   1 
ATOM   558 O O   . LYS B 2 6  ? -1.210  6.032   1.230   1.00 14.24 ? 23  LYS T O   1 
ATOM   559 C CB  . LYS B 2 6  ? 0.483   8.791   0.357   1.00 15.15 ? 23  LYS T CB  1 
ATOM   560 C CG  . LYS B 2 6  ? -0.515  9.373   1.356   1.00 16.09 ? 23  LYS T CG  1 
ATOM   561 C CD  . LYS B 2 6  ? -0.013  10.747  1.912   1.00 17.02 ? 23  LYS T CD  1 
ATOM   562 C CE  . LYS B 2 6  ? -1.114  11.590  2.584   1.00 16.26 ? 23  LYS T CE  1 
ATOM   563 N NZ  . LYS B 2 6  ? -1.674  10.910  3.783   1.00 19.13 ? 23  LYS T NZ  1 
ATOM   564 N N   . ALA B 2 7  ? 1.022   5.984   1.463   1.00 13.96 ? 24  ALA T N   1 
ATOM   565 C CA  . ALA B 2 7  ? 1.031   5.073   2.608   1.00 15.29 ? 24  ALA T CA  1 
ATOM   566 C C   . ALA B 2 7  ? 2.337   5.212   3.373   1.00 16.43 ? 24  ALA T C   1 
ATOM   567 O O   . ALA B 2 7  ? 3.374   5.669   2.846   1.00 14.84 ? 24  ALA T O   1 
ATOM   568 C CB  . ALA B 2 7  ? 0.828   3.607   2.129   1.00 14.46 ? 24  ALA T CB  1 
ATOM   569 N N   . ARG B 2 8  ? 2.266   4.811   4.630   1.00 17.50 ? 25  ARG T N   1 
ATOM   570 C CA  . ARG B 2 8  ? 3.409   4.716   5.508   1.00 21.90 ? 25  ARG T CA  1 
ATOM   571 C C   . ARG B 2 8  ? 3.863   3.255   5.454   1.00 20.64 ? 25  ARG T C   1 
ATOM   572 O O   . ARG B 2 8  ? 3.173   2.390   4.910   1.00 20.91 ? 25  ARG T O   1 
ATOM   573 C CB  . ARG B 2 8  ? 2.948   5.150   6.899   1.00 22.24 ? 25  ARG T CB  1 
ATOM   574 C CG  . ARG B 2 8  ? 3.694   4.713   8.118   1.00 28.55 ? 25  ARG T CG  1 
ATOM   575 C CD  . ARG B 2 8  ? 3.116   5.468   9.351   1.00 28.29 ? 25  ARG T CD  1 
ATOM   576 N NE  . ARG B 2 8  ? 1.832   6.136   9.088   1.00 37.28 ? 25  ARG T NE  1 
ATOM   577 C CZ  . ARG B 2 8  ? 0.638   5.700   9.516   1.00 40.97 ? 25  ARG T CZ  1 
ATOM   578 N NH1 . ARG B 2 8  ? 0.536   4.585   10.263  1.00 39.02 ? 25  ARG T NH1 1 
ATOM   579 N NH2 . ARG B 2 8  ? -0.462  6.397   9.207   1.00 41.24 ? 25  ARG T NH2 1 
HETATM 580 N N   . MLY B 2 9  ? 5.323   3.054   5.570   1.00 16.26 ? 26  MLY T N   1 
HETATM 581 C CA  . MLY B 2 9  ? 5.951   1.727   5.546   1.00 17.01 ? 26  MLY T CA  1 
HETATM 582 C CB  . MLY B 2 9  ? 7.322   1.866   4.913   1.00 18.86 ? 26  MLY T CB  1 
HETATM 583 C CG  . MLY B 2 9  ? 7.159   1.998   3.398   1.00 19.64 ? 26  MLY T CG  1 
HETATM 584 C CD  . MLY B 2 9  ? 8.538   2.078   2.718   1.00 20.80 ? 26  MLY T CD  1 
HETATM 585 C CE  . MLY B 2 9  ? 8.306   2.142   1.203   1.00 18.66 ? 26  MLY T CE  1 
HETATM 586 N NZ  . MLY B 2 9  ? 9.620   2.181   0.509   1.00 20.39 ? 26  MLY T NZ  1 
HETATM 587 C CH1 . MLY B 2 9  ? 9.439   1.861   -0.931  1.00 21.73 ? 26  MLY T CH1 1 
HETATM 588 C CH2 . MLY B 2 9  ? 10.297  3.505   0.652   1.00 20.94 ? 26  MLY T CH2 1 
HETATM 589 C C   . MLY B 2 9  ? 6.078   1.179   6.985   1.00 17.44 ? 26  MLY T C   1 
HETATM 590 O O   . MLY B 2 9  ? 6.593   1.799   7.941   1.00 18.42 ? 26  MLY T O   1 
ATOM   591 N N   . SER B 2 10 ? 5.633   -0.183  7.207   1.00 25.11 ? 27  SER T N   1 
ATOM   592 C CA  . SER B 2 10 ? 6.014   -1.071  8.342   1.00 28.28 ? 27  SER T CA  1 
ATOM   593 C C   . SER B 2 10 ? 7.501   -0.983  8.667   1.00 29.22 ? 27  SER T C   1 
ATOM   594 O O   . SER B 2 10 ? 7.864   -0.937  9.853   1.00 29.32 ? 27  SER T O   1 
ATOM   595 C CB  . SER B 2 10 ? 5.600   -2.496  8.024   1.00 27.64 ? 27  SER T CB  1 
ATOM   596 O OG  . SER B 2 10 ? 4.213   -2.513  7.871   1.00 29.27 ? 27  SER T OG  1 
ATOM   597 N N   . ALA B 2 11 ? 8.327   -0.891  7.623   1.00 30.42 ? 28  ALA T N   1 
ATOM   598 C CA  . ALA B 2 11 ? 9.798   -0.654  7.729   1.00 31.65 ? 28  ALA T CA  1 
ATOM   599 C C   . ALA B 2 11 ? 10.234  0.590   8.527   1.00 32.55 ? 28  ALA T C   1 
ATOM   600 O O   . ALA B 2 11 ? 11.351  0.615   9.052   1.00 33.33 ? 28  ALA T O   1 
ATOM   601 C CB  . ALA B 2 11 ? 10.452  -0.630  6.312   1.00 31.03 ? 28  ALA T CB  1 
ATOM   602 N N   . GLY B 2 12 ? 9.386   1.624   8.573   1.00 33.54 ? 29  GLY T N   1 
ATOM   603 C CA  . GLY B 2 12 ? 9.620   2.810   9.402   1.00 35.24 ? 29  GLY T CA  1 
ATOM   604 C C   . GLY B 2 12 ? 9.160   2.651   10.853  1.00 37.13 ? 29  GLY T C   1 
ATOM   605 O O   . GLY B 2 12 ? 8.554   1.622   11.241  1.00 37.24 ? 29  GLY T O   1 
HETATM 606 O O   . HOH C 3 .  ? -5.867  6.592   -4.011  1.00 11.18 ? 1   HOH A O   1 
HETATM 607 O O   . HOH C 3 .  ? -6.890  3.993   2.152   1.00 17.76 ? 2   HOH A O   1 
HETATM 608 O O   . HOH C 3 .  ? 6.156   -6.869  2.984   1.00 13.75 ? 3   HOH A O   1 
HETATM 609 O O   . HOH C 3 .  ? -3.258  -12.651 -1.007  1.00 13.04 ? 4   HOH A O   1 
HETATM 610 O O   . HOH C 3 .  ? 5.106   -12.646 3.693   1.00 11.62 ? 5   HOH A O   1 
HETATM 611 O O   . HOH C 3 .  ? -5.409  -13.956 3.345   1.00 16.96 ? 6   HOH A O   1 
HETATM 612 O O   . HOH C 3 .  ? 0.953   -13.768 1.597   1.00 12.64 ? 7   HOH A O   1 
HETATM 613 O O   . HOH C 3 .  ? 7.109   8.376   -3.338  1.00 18.90 ? 9   HOH A O   1 
HETATM 614 O O   . HOH C 3 .  ? -4.594  -10.216 -6.464  1.00 14.50 ? 10  HOH A O   1 
HETATM 615 O O   . HOH C 3 .  ? 7.857   11.187  0.586   1.00 16.95 ? 11  HOH A O   1 
HETATM 616 O O   . HOH C 3 .  ? 6.689   9.198   -6.192  1.00 18.97 ? 12  HOH A O   1 
HETATM 617 O O   . HOH C 3 .  ? 9.654   -3.392  -11.742 1.00 23.54 ? 13  HOH A O   1 
HETATM 618 O O   . HOH C 3 .  ? 8.044   -8.285  -6.176  1.00 21.67 ? 14  HOH A O   1 
HETATM 619 O O   . HOH C 3 .  ? 2.678   -9.344  8.201   1.00 19.13 ? 16  HOH A O   1 
HETATM 620 O O   . HOH C 3 .  ? -0.490  -6.409  10.041  1.00 22.12 ? 18  HOH A O   1 
HETATM 621 O O   . HOH C 3 .  ? 7.017   5.804   -3.536  1.00 14.46 ? 19  HOH A O   1 
HETATM 622 O O   . HOH C 3 .  ? -5.282  -15.532 7.008   1.00 19.30 ? 20  HOH A O   1 
HETATM 623 O O   . HOH C 3 .  ? 5.088   -8.681  7.052   1.00 20.52 ? 21  HOH A O   1 
HETATM 624 O O   . HOH C 3 .  ? -2.796  -15.238 2.642   1.00 21.99 ? 22  HOH A O   1 
HETATM 625 O O   . HOH C 3 .  ? 11.892  -6.030  -9.687  1.00 19.11 ? 23  HOH A O   1 
HETATM 626 O O   . HOH C 3 .  ? 8.192   -7.446  1.247   1.00 25.04 ? 82  HOH A O   1 
HETATM 627 O O   . HOH C 3 .  ? -3.015  -15.462 10.690  1.00 22.81 ? 83  HOH A O   1 
HETATM 628 O O   . HOH C 3 .  ? -6.139  -13.227 0.665   1.00 17.23 ? 84  HOH A O   1 
HETATM 629 O O   . HOH C 3 .  ? 7.537   -1.171  -5.099  1.00 14.50 ? 85  HOH A O   1 
HETATM 630 O O   . HOH C 3 .  ? 5.881   -5.226  5.088   1.00 19.85 ? 86  HOH A O   1 
HETATM 631 O O   . HOH C 3 .  ? -3.973  -4.680  -9.252  1.00 18.24 ? 87  HOH A O   1 
HETATM 632 O O   . HOH C 3 .  ? 2.965   -12.078 7.461   1.00 21.40 ? 88  HOH A O   1 
HETATM 633 O O   . HOH C 3 .  ? -11.224 -4.642  7.145   1.00 24.99 ? 89  HOH A O   1 
HETATM 634 O O   . HOH C 3 .  ? 0.923   -14.017 5.852   1.00 27.52 ? 90  HOH A O   1 
HETATM 635 O O   . HOH C 3 .  ? 8.742   -7.365  -2.988  1.00 21.06 ? 91  HOH A O   1 
HETATM 636 O O   . HOH C 3 .  ? 7.387   -1.656  4.803   1.00 25.65 ? 92  HOH A O   1 
HETATM 637 O O   . HOH C 3 .  ? 6.901   3.929   -10.806 1.00 26.10 ? 93  HOH A O   1 
HETATM 638 O O   . HOH C 3 .  ? -2.288  1.828   -10.461 1.00 20.09 ? 94  HOH A O   1 
HETATM 639 O O   . HOH C 3 .  ? 8.424   7.709   -10.757 1.00 30.43 ? 95  HOH A O   1 
HETATM 640 O O   . HOH C 3 .  ? -0.860  5.270   -9.677  1.00 23.30 ? 96  HOH A O   1 
HETATM 641 O O   . HOH C 3 .  ? -6.959  -4.404  9.637   1.00 25.36 ? 97  HOH A O   1 
HETATM 642 O O   . HOH C 3 .  ? -1.025  6.768   5.796   1.00 28.79 ? 98  HOH A O   1 
HETATM 643 O O   . HOH C 3 .  ? -0.778  -8.660  11.615  1.00 24.57 ? 99  HOH A O   1 
HETATM 644 O O   . HOH C 3 .  ? 15.303  -0.010  -2.834  1.00 33.28 ? 100 HOH A O   1 
HETATM 645 O O   . HOH C 3 .  ? 12.589  2.385   -10.188 1.00 27.91 ? 101 HOH A O   1 
HETATM 646 O O   . HOH C 3 .  ? 6.671   5.067   6.960   1.00 23.40 ? 102 HOH A O   1 
HETATM 647 O O   . HOH C 3 .  ? -6.165  -4.382  -10.579 1.00 23.55 ? 103 HOH A O   1 
HETATM 648 O O   . HOH C 3 .  ? -11.174 3.806   -7.842  1.00 27.80 ? 104 HOH A O   1 
HETATM 649 O O   . HOH C 3 .  ? 13.362  -0.570  -6.570  1.00 30.34 ? 105 HOH A O   1 
HETATM 650 O O   . HOH C 3 .  ? 6.193   7.346   9.986   1.00 29.84 ? 107 HOH A O   1 
HETATM 651 O O   . HOH C 3 .  ? -7.916  -11.948 2.220   1.00 22.43 ? 108 HOH A O   1 
HETATM 652 O O   . HOH C 3 .  ? -11.040 -1.402  -11.333 1.00 22.60 ? 109 HOH A O   1 
HETATM 653 O O   . HOH C 3 .  ? 2.854   -5.436  7.184   1.00 27.79 ? 110 HOH A O   1 
HETATM 654 O O   . HOH C 3 .  ? -9.726  -4.095  3.772   1.00 30.23 ? 111 HOH A O   1 
HETATM 655 O O   . HOH C 3 .  ? -5.680  -12.583 16.228  1.00 31.73 ? 112 HOH A O   1 
HETATM 656 O O   . HOH C 3 .  ? 8.492   -0.105  -12.284 1.00 37.33 ? 113 HOH A O   1 
HETATM 657 O O   . HOH C 3 .  ? 3.129   12.019  6.642   1.00 28.26 ? 114 HOH A O   1 
HETATM 658 O O   . HOH C 3 .  ? -4.411  10.692  -7.147  1.00 30.03 ? 115 HOH A O   1 
HETATM 659 O O   . HOH C 3 .  ? 5.801   -3.015  -12.459 1.00 33.60 ? 116 HOH A O   1 
HETATM 660 O O   . HOH C 3 .  ? -6.601  3.771   6.467   1.00 33.18 ? 117 HOH A O   1 
HETATM 661 O O   . HOH C 3 .  ? -8.610  -12.995 -8.222  1.00 26.10 ? 118 HOH A O   1 
HETATM 662 O O   . HOH C 3 .  ? -3.426  6.030   -10.290 1.00 31.97 ? 119 HOH A O   1 
HETATM 663 O O   . HOH C 3 .  ? -5.715  8.137   -6.647  1.00 28.79 ? 120 HOH A O   1 
HETATM 664 O O   . HOH C 3 .  ? -7.617  4.592   -8.964  1.00 32.49 ? 121 HOH A O   1 
HETATM 665 O O   . HOH C 3 .  ? 10.395  -1.816  -0.134  1.00 33.89 ? 122 HOH A O   1 
HETATM 666 O O   . HOH C 3 .  ? -8.200  -10.112 15.894  1.00 39.92 ? 123 HOH A O   1 
HETATM 667 O O   . HOH C 3 .  ? -0.797  1.075   -12.559 1.00 35.77 ? 124 HOH A O   1 
HETATM 668 O O   . HOH D 3 .  ? 2.434   16.801  -3.463  1.00 15.38 ? 8   HOH T O   1 
HETATM 669 O O   . HOH D 3 .  ? 0.085   13.793  -3.620  1.00 22.09 ? 15  HOH T O   1 
HETATM 670 O O   . HOH D 3 .  ? 5.228   18.907  -0.650  1.00 16.81 ? 17  HOH T O   1 
HETATM 671 O O   . HOH D 3 .  ? 4.785   10.522  -7.801  1.00 22.61 ? 37  HOH T O   1 
HETATM 672 O O   . HOH D 3 .  ? 0.362   11.085  -4.548  1.00 25.56 ? 44  HOH T O   1 
HETATM 673 O O   . HOH D 3 .  ? 3.039   13.380  -4.516  1.00 26.66 ? 48  HOH T O   1 
HETATM 674 O O   . HOH D 3 .  ? 0.860   15.109  3.278   1.00 27.60 ? 51  HOH T O   1 
HETATM 675 O O   . HOH D 3 .  ? 2.209   9.459   -8.903  1.00 28.77 ? 57  HOH T O   1 
HETATM 676 O O   . HOH D 3 .  ? -2.013  11.486  -6.929  1.00 27.29 ? 60  HOH T O   1 
HETATM 677 O O   . HOH D 3 .  ? -2.500  13.381  5.227   1.00 41.26 ? 62  HOH T O   1 
HETATM 678 O O   . HOH D 3 .  ? -1.810  17.839  -4.826  1.00 26.39 ? 66  HOH T O   1 
HETATM 679 O O   . HOH D 3 .  ? 1.670   11.349  -7.223  1.00 33.84 ? 67  HOH T O   1 
HETATM 680 O O   . HOH D 3 .  ? -6.140  9.112   -2.577  1.00 35.57 ? 68  HOH T O   1 
HETATM 681 O O   . HOH D 3 .  ? 12.138  0.952   1.080   1.00 34.94 ? 72  HOH T O   1 
HETATM 682 O O   . HOH D 3 .  ? 14.018  3.304   -0.018  1.00 31.00 ? 78  HOH T O   1 
HETATM 683 O O   . HOH D 3 .  ? -1.841  19.741  1.504   1.00 27.07 ? 79  HOH T O   1 
HETATM 684 O O   . HOH D 3 .  ? -5.843  9.989   -0.449  1.00 29.78 ? 106 HOH T O   1 
# 
